data_8XU7
#
_entry.id   8XU7
#
_cell.length_a   47.037
_cell.length_b   62.234
_cell.length_c   76.294
_cell.angle_alpha   74.79
_cell.angle_beta   81.97
_cell.angle_gamma   76.81
#
_symmetry.space_group_name_H-M   'P 1'
#
loop_
_entity.id
_entity.type
_entity.pdbx_description
1 polymer 'Putative epoxidase LasC'
2 non-polymer 'FLAVIN-ADENINE DINUCLEOTIDE'
3 non-polymer (4R,5S)-3-((2R,3S,4S)-2-ethyl-5-((2R,3R)-2-ethyl-3-(2-((2R,3R)-2-ethyl-3-methyloxiran-2-yl)ethyl)oxiran-2-yl)-3-hydroxy-4-methylpentanoyl)-4-methyl-5-phenyloxazolidin-2-one
4 non-polymer 'CHLORIDE ION'
5 water water
#
_entity_poly.entity_id   1
_entity_poly.type   'polypeptide(L)'
_entity_poly.pdbx_seq_one_letter_code
;MNHKVHHHHHHIEGRHMTNTRSAVVLGGGMAGMLVSSMLARHVGSVTVIDRDAFPAGPDLRKGVPQARHAHILWSGGARI
VEELLPGTTDRLLGAGAHRIGIPDGQVSYTAYGWQHRFPEAQFMIACSRALLDWTVREETLREERIALVEKTEVLALLGD
AGRVTGVRVRDQESGEEREVPADLVVDTTGRGSPSKRLLAELGLPAPEEEFVDSGMVYATRLFRAPEAAATNFPLVSVHA
DHRAGRPGCNAVLMPIEDGRWIVTVSGTRGGEPPADDEGFARFARDGVRHPLVGELIA(ELY)AQPLTSVERSRSTVNRR
LHYDRLATWPEGLVVLGDAVAAFNPVYGHGMSAAAHSVLALRSQLGQRAFQPGLARAAQRAIAVAVDDAWVLATSHDIGY
PGCRTQTRDPRLTRHAGERQRVTDLVGLTATRNQVVNRAAVALNTLSAGMASMQDPAVMAAVRRGPEVPAPTEPPLRPDE
VARLVSGAGVTA
;
_entity_poly.pdbx_strand_id   A,B
#
# COMPACT_ATOMS: atom_id res chain seq x y z
N THR A 20 -8.13 -24.75 -31.37
CA THR A 20 -8.18 -24.00 -32.63
C THR A 20 -8.75 -22.60 -32.41
N ARG A 21 -8.30 -21.67 -33.26
CA ARG A 21 -8.70 -20.26 -33.23
C ARG A 21 -8.17 -19.54 -32.00
N SER A 22 -7.86 -18.25 -32.13
CA SER A 22 -7.25 -17.47 -31.08
C SER A 22 -7.97 -16.14 -30.91
N ALA A 23 -8.01 -15.66 -29.66
CA ALA A 23 -8.69 -14.41 -29.33
C ALA A 23 -7.71 -13.47 -28.65
N VAL A 24 -7.87 -12.18 -28.92
CA VAL A 24 -7.10 -11.13 -28.26
C VAL A 24 -8.08 -10.24 -27.50
N VAL A 25 -7.77 -9.99 -26.23
CA VAL A 25 -8.60 -9.17 -25.36
C VAL A 25 -7.79 -7.94 -24.97
N LEU A 26 -8.33 -6.76 -25.30
CA LEU A 26 -7.66 -5.49 -24.99
C LEU A 26 -8.14 -5.00 -23.64
N GLY A 27 -7.23 -4.95 -22.67
CA GLY A 27 -7.55 -4.51 -21.32
C GLY A 27 -7.78 -5.66 -20.35
N GLY A 28 -7.07 -5.64 -19.22
CA GLY A 28 -7.14 -6.73 -18.27
C GLY A 28 -7.91 -6.41 -17.00
N GLY A 29 -8.92 -5.56 -17.10
CA GLY A 29 -9.76 -5.21 -15.96
C GLY A 29 -10.82 -6.26 -15.68
N MET A 30 -11.94 -5.81 -15.13
CA MET A 30 -13.02 -6.73 -14.79
C MET A 30 -13.63 -7.36 -16.04
N ALA A 31 -13.95 -6.54 -17.05
CA ALA A 31 -14.57 -7.07 -18.26
C ALA A 31 -13.61 -7.95 -19.04
N GLY A 32 -12.34 -7.55 -19.13
CA GLY A 32 -11.37 -8.37 -19.83
C GLY A 32 -11.21 -9.75 -19.21
N MET A 33 -11.18 -9.81 -17.88
CA MET A 33 -11.01 -11.08 -17.20
C MET A 33 -12.24 -11.97 -17.39
N LEU A 34 -13.44 -11.42 -17.17
CA LEU A 34 -14.66 -12.21 -17.32
C LEU A 34 -14.80 -12.70 -18.75
N VAL A 35 -14.53 -11.82 -19.73
CA VAL A 35 -14.66 -12.23 -21.13
C VAL A 35 -13.59 -13.24 -21.51
N SER A 36 -12.43 -13.18 -20.86
CA SER A 36 -11.35 -14.11 -21.19
C SER A 36 -11.62 -15.49 -20.58
N SER A 37 -12.14 -15.53 -19.36
CA SER A 37 -12.62 -16.79 -18.79
C SER A 37 -13.62 -17.47 -19.71
N MET A 38 -14.59 -16.70 -20.24
CA MET A 38 -15.59 -17.27 -21.11
C MET A 38 -15.00 -17.70 -22.45
N LEU A 39 -14.24 -16.81 -23.08
CA LEU A 39 -13.71 -17.09 -24.42
C LEU A 39 -12.80 -18.30 -24.43
N ALA A 40 -12.05 -18.51 -23.35
CA ALA A 40 -11.12 -19.64 -23.27
C ALA A 40 -11.84 -20.98 -23.33
N ARG A 41 -13.14 -21.01 -23.07
CA ARG A 41 -13.92 -22.23 -23.20
C ARG A 41 -14.42 -22.46 -24.62
N HIS A 42 -14.14 -21.53 -25.54
CA HIS A 42 -14.53 -21.67 -26.94
C HIS A 42 -13.37 -21.57 -27.92
N VAL A 43 -12.22 -21.03 -27.52
CA VAL A 43 -11.10 -20.83 -28.42
C VAL A 43 -9.85 -21.49 -27.86
N GLY A 44 -8.85 -21.65 -28.73
CA GLY A 44 -7.65 -22.35 -28.35
C GLY A 44 -6.75 -21.57 -27.41
N SER A 45 -6.64 -20.25 -27.62
CA SER A 45 -5.75 -19.43 -26.82
C SER A 45 -6.33 -18.03 -26.68
N VAL A 46 -6.12 -17.42 -25.51
CA VAL A 46 -6.55 -16.05 -25.24
C VAL A 46 -5.32 -15.27 -24.79
N THR A 47 -5.13 -14.10 -25.40
CA THR A 47 -4.04 -13.20 -25.04
C THR A 47 -4.63 -11.87 -24.61
N VAL A 48 -4.33 -11.45 -23.38
CA VAL A 48 -4.86 -10.24 -22.79
C VAL A 48 -3.78 -9.16 -22.80
N ILE A 49 -4.07 -8.04 -23.44
CA ILE A 49 -3.11 -6.93 -23.57
C ILE A 49 -3.53 -5.83 -22.61
N ASP A 50 -2.59 -5.39 -21.77
CA ASP A 50 -2.84 -4.29 -20.85
C ASP A 50 -1.57 -3.45 -20.71
N ARG A 51 -1.75 -2.13 -20.65
CA ARG A 51 -0.63 -1.20 -20.51
C ARG A 51 -0.22 -0.96 -19.06
N ASP A 52 -0.97 -1.47 -18.09
CA ASP A 52 -0.67 -1.30 -16.68
C ASP A 52 0.17 -2.47 -16.17
N ALA A 53 0.80 -2.26 -15.01
CA ALA A 53 1.48 -3.33 -14.29
C ALA A 53 0.55 -3.87 -13.22
N PHE A 54 0.61 -5.19 -12.99
CA PHE A 54 -0.36 -5.86 -12.14
C PHE A 54 0.32 -6.37 -10.87
N PRO A 55 -0.18 -6.00 -9.69
CA PRO A 55 0.44 -6.47 -8.45
C PRO A 55 0.08 -7.92 -8.14
N ALA A 56 1.00 -8.59 -7.46
CA ALA A 56 0.79 -9.99 -7.07
C ALA A 56 -0.21 -10.15 -5.94
N GLY A 57 -0.72 -9.07 -5.36
CA GLY A 57 -1.69 -9.14 -4.30
C GLY A 57 -2.84 -8.16 -4.51
N PRO A 58 -3.77 -8.11 -3.55
CA PRO A 58 -4.95 -7.21 -3.66
C PRO A 58 -4.61 -5.76 -3.38
N ASP A 59 -3.90 -5.12 -4.30
CA ASP A 59 -3.48 -3.74 -4.13
C ASP A 59 -4.03 -2.87 -5.25
N LEU A 60 -4.09 -1.56 -4.98
CA LEU A 60 -4.50 -0.59 -5.98
C LEU A 60 -3.48 -0.51 -7.11
N ARG A 61 -3.95 -0.10 -8.29
CA ARG A 61 -3.10 0.09 -9.46
C ARG A 61 -3.63 1.26 -10.27
N LYS A 62 -2.75 1.88 -11.05
CA LYS A 62 -3.11 3.09 -11.78
C LYS A 62 -4.06 2.82 -12.94
N GLY A 63 -4.08 1.59 -13.46
CA GLY A 63 -4.99 1.25 -14.54
C GLY A 63 -6.45 1.20 -14.14
N VAL A 64 -6.73 1.12 -12.84
CA VAL A 64 -8.10 1.12 -12.33
C VAL A 64 -8.20 2.16 -11.22
N PRO A 65 -8.19 3.46 -11.55
CA PRO A 65 -8.22 4.47 -10.48
C PRO A 65 -9.48 4.44 -9.65
N GLN A 66 -10.59 3.93 -10.22
CA GLN A 66 -11.86 3.90 -9.50
C GLN A 66 -11.83 3.00 -8.28
N ALA A 67 -10.82 2.13 -8.16
CA ALA A 67 -10.74 1.19 -7.05
C ALA A 67 -10.66 1.88 -5.69
N ARG A 68 -10.38 3.19 -5.65
CA ARG A 68 -10.31 3.90 -4.38
C ARG A 68 -11.68 4.30 -3.85
N HIS A 69 -12.75 4.04 -4.58
CA HIS A 69 -14.09 4.43 -4.19
C HIS A 69 -14.96 3.19 -3.97
N ALA A 70 -16.08 3.40 -3.28
CA ALA A 70 -16.98 2.30 -2.93
C ALA A 70 -17.49 1.60 -4.19
N HIS A 71 -17.42 0.27 -4.18
CA HIS A 71 -17.89 -0.54 -5.29
C HIS A 71 -18.87 -1.58 -4.77
N ILE A 72 -20.09 -1.55 -5.30
CA ILE A 72 -21.15 -2.49 -4.95
C ILE A 72 -21.31 -3.49 -6.08
N LEU A 73 -21.32 -4.78 -5.73
CA LEU A 73 -21.54 -5.86 -6.69
C LEU A 73 -22.95 -6.41 -6.44
N TRP A 74 -23.93 -5.93 -7.20
CA TRP A 74 -25.30 -6.39 -7.05
C TRP A 74 -25.40 -7.88 -7.37
N SER A 75 -26.40 -8.53 -6.76
CA SER A 75 -26.74 -9.92 -7.04
C SER A 75 -26.71 -10.27 -8.53
N GLY A 76 -27.28 -9.41 -9.37
CA GLY A 76 -27.38 -9.71 -10.79
C GLY A 76 -26.03 -9.97 -11.43
N GLY A 77 -25.03 -9.14 -11.10
CA GLY A 77 -23.69 -9.36 -11.61
C GLY A 77 -22.97 -10.45 -10.85
N ALA A 78 -23.20 -10.52 -9.54
CA ALA A 78 -22.52 -11.52 -8.71
C ALA A 78 -22.84 -12.93 -9.19
N ARG A 79 -24.10 -13.20 -9.53
CA ARG A 79 -24.48 -14.53 -9.99
C ARG A 79 -23.83 -14.86 -11.33
N ILE A 80 -23.57 -13.85 -12.16
CA ILE A 80 -22.91 -14.09 -13.43
C ILE A 80 -21.42 -14.37 -13.21
N VAL A 81 -20.78 -13.60 -12.34
CA VAL A 81 -19.39 -13.84 -11.98
C VAL A 81 -19.23 -15.25 -11.42
N GLU A 82 -20.18 -15.69 -10.61
CA GLU A 82 -20.10 -17.03 -10.03
C GLU A 82 -20.11 -18.10 -11.11
N GLU A 83 -20.96 -17.90 -12.12
CA GLU A 83 -21.12 -18.88 -13.22
C GLU A 83 -19.88 -18.94 -14.11
N LEU A 84 -19.28 -17.79 -14.40
CA LEU A 84 -18.11 -17.73 -15.28
C LEU A 84 -16.87 -18.20 -14.54
N LEU A 85 -16.78 -17.90 -13.25
CA LEU A 85 -15.64 -18.26 -12.43
C LEU A 85 -16.16 -18.94 -11.16
N PRO A 86 -16.53 -20.21 -11.25
CA PRO A 86 -17.12 -20.90 -10.09
C PRO A 86 -16.21 -20.88 -8.87
N GLY A 87 -16.80 -20.58 -7.72
CA GLY A 87 -16.08 -20.50 -6.46
C GLY A 87 -15.65 -19.10 -6.08
N THR A 88 -15.81 -18.12 -6.98
CA THR A 88 -15.33 -16.76 -6.72
C THR A 88 -16.07 -16.11 -5.57
N THR A 89 -17.39 -16.32 -5.47
CA THR A 89 -18.16 -15.68 -4.41
C THR A 89 -17.57 -16.02 -3.04
N ASP A 90 -17.28 -17.31 -2.83
CA ASP A 90 -16.77 -17.84 -1.55
C ASP A 90 -15.33 -17.41 -1.26
N ARG A 91 -14.53 -17.34 -2.30
CA ARG A 91 -13.17 -16.88 -2.09
C ARG A 91 -13.22 -15.43 -1.62
N LEU A 92 -14.19 -14.67 -2.14
CA LEU A 92 -14.42 -13.32 -1.65
C LEU A 92 -14.88 -13.33 -0.20
N LEU A 93 -15.96 -14.07 0.11
CA LEU A 93 -16.40 -14.16 1.49
C LEU A 93 -15.32 -14.75 2.38
N GLY A 94 -14.64 -15.79 1.90
CA GLY A 94 -13.53 -16.37 2.62
C GLY A 94 -12.37 -15.42 2.86
N ALA A 95 -12.32 -14.30 2.15
CA ALA A 95 -11.24 -13.33 2.30
C ALA A 95 -11.66 -12.08 3.07
N GLY A 96 -12.90 -12.02 3.55
CA GLY A 96 -13.38 -10.88 4.32
C GLY A 96 -14.49 -10.09 3.68
N ALA A 97 -14.90 -10.40 2.45
CA ALA A 97 -16.02 -9.71 1.83
C ALA A 97 -17.31 -10.02 2.58
N HIS A 98 -18.23 -9.06 2.57
CA HIS A 98 -19.52 -9.21 3.25
C HIS A 98 -20.61 -9.48 2.22
N ARG A 99 -21.48 -10.43 2.53
CA ARG A 99 -22.72 -10.65 1.78
C ARG A 99 -23.84 -9.94 2.53
N ILE A 100 -24.24 -8.77 2.02
CA ILE A 100 -25.28 -7.96 2.65
C ILE A 100 -26.59 -8.17 1.91
N GLY A 101 -27.60 -8.66 2.62
CA GLY A 101 -28.89 -8.87 2.00
C GLY A 101 -29.63 -7.57 1.78
N ILE A 102 -30.43 -7.54 0.72
CA ILE A 102 -31.22 -6.38 0.33
C ILE A 102 -32.69 -6.80 0.36
N PRO A 103 -33.57 -6.08 1.08
CA PRO A 103 -33.28 -4.86 1.83
C PRO A 103 -33.07 -5.06 3.32
N ASP A 104 -32.97 -6.31 3.78
CA ASP A 104 -32.87 -6.56 5.21
C ASP A 104 -31.57 -6.06 5.80
N GLY A 105 -30.52 -5.90 4.98
CA GLY A 105 -29.25 -5.44 5.49
C GLY A 105 -28.85 -4.04 5.06
N GLN A 106 -29.81 -3.21 4.66
CA GLN A 106 -29.54 -1.83 4.27
C GLN A 106 -30.34 -0.86 5.14
N VAL A 107 -29.70 0.23 5.52
CA VAL A 107 -30.33 1.36 6.16
C VAL A 107 -30.24 2.51 5.17
N SER A 108 -31.30 2.75 4.41
CA SER A 108 -31.24 3.65 3.26
C SER A 108 -32.34 4.70 3.37
N TYR A 109 -31.96 5.97 3.27
CA TYR A 109 -32.90 7.09 3.26
C TYR A 109 -33.09 7.50 1.80
N THR A 110 -34.06 6.85 1.16
CA THR A 110 -34.30 7.10 -0.25
C THR A 110 -34.95 8.47 -0.46
N ALA A 111 -35.10 8.86 -1.72
CA ALA A 111 -35.78 10.10 -2.05
C ALA A 111 -37.22 10.12 -1.53
N TYR A 112 -37.78 8.96 -1.21
CA TYR A 112 -39.16 8.84 -0.75
C TYR A 112 -39.23 8.56 0.75
N GLY A 113 -38.11 8.59 1.44
CA GLY A 113 -38.05 8.29 2.86
C GLY A 113 -37.28 7.02 3.14
N TRP A 114 -37.30 6.62 4.41
CA TRP A 114 -36.56 5.43 4.83
C TRP A 114 -37.16 4.17 4.22
N GLN A 115 -36.30 3.26 3.80
CA GLN A 115 -36.74 1.96 3.31
C GLN A 115 -36.99 1.04 4.49
N HIS A 116 -38.20 0.52 4.61
CA HIS A 116 -38.47 -0.49 5.62
C HIS A 116 -37.68 -1.74 5.31
N ARG A 117 -37.01 -2.27 6.34
CA ARG A 117 -36.12 -3.42 6.17
C ARG A 117 -36.95 -4.70 6.17
N PHE A 118 -37.54 -4.99 5.02
CA PHE A 118 -38.22 -6.27 4.82
C PHE A 118 -37.19 -7.40 4.75
N PRO A 119 -37.64 -8.66 4.89
CA PRO A 119 -36.71 -9.78 4.72
C PRO A 119 -36.05 -9.80 3.35
N GLU A 120 -34.96 -10.57 3.25
CA GLU A 120 -34.09 -10.56 2.09
C GLU A 120 -34.85 -10.86 0.80
N ALA A 121 -34.64 -10.02 -0.21
CA ALA A 121 -35.10 -10.26 -1.56
C ALA A 121 -33.96 -10.48 -2.54
N GLN A 122 -32.90 -9.69 -2.43
CA GLN A 122 -31.69 -9.85 -3.23
C GLN A 122 -30.49 -9.69 -2.31
N PHE A 123 -29.29 -9.55 -2.90
CA PHE A 123 -28.08 -9.42 -2.10
C PHE A 123 -27.05 -8.63 -2.90
N MET A 124 -25.97 -8.26 -2.22
CA MET A 124 -24.79 -7.69 -2.86
C MET A 124 -23.57 -8.16 -2.09
N ILE A 125 -22.41 -8.06 -2.74
CA ILE A 125 -21.12 -8.39 -2.14
C ILE A 125 -20.37 -7.10 -1.88
N ALA A 126 -19.90 -6.93 -0.64
CA ALA A 126 -19.26 -5.69 -0.21
C ALA A 126 -17.78 -5.95 0.09
N CYS A 127 -16.91 -5.36 -0.72
CA CYS A 127 -15.46 -5.54 -0.58
C CYS A 127 -14.78 -4.40 -1.32
N SER A 128 -13.52 -4.16 -0.97
CA SER A 128 -12.67 -3.29 -1.77
C SER A 128 -12.61 -3.79 -3.21
N ARG A 129 -12.58 -2.86 -4.16
CA ARG A 129 -12.41 -3.23 -5.55
C ARG A 129 -11.07 -3.90 -5.80
N ALA A 130 -10.04 -3.50 -5.04
CA ALA A 130 -8.72 -4.12 -5.19
C ALA A 130 -8.78 -5.62 -4.91
N LEU A 131 -9.44 -6.00 -3.82
CA LEU A 131 -9.61 -7.42 -3.53
C LEU A 131 -10.43 -8.12 -4.60
N LEU A 132 -11.49 -7.46 -5.08
CA LEU A 132 -12.35 -8.05 -6.09
C LEU A 132 -11.60 -8.33 -7.39
N ASP A 133 -10.91 -7.31 -7.92
CA ASP A 133 -10.15 -7.49 -9.15
C ASP A 133 -9.10 -8.58 -9.02
N TRP A 134 -8.38 -8.60 -7.89
CA TRP A 134 -7.36 -9.62 -7.69
C TRP A 134 -7.98 -11.00 -7.64
N THR A 135 -9.11 -11.16 -6.97
CA THR A 135 -9.76 -12.46 -6.89
C THR A 135 -10.29 -12.91 -8.24
N VAL A 136 -10.73 -11.96 -9.07
CA VAL A 136 -11.22 -12.32 -10.41
C VAL A 136 -10.05 -12.68 -11.32
N ARG A 137 -8.97 -11.91 -11.26
CA ARG A 137 -7.81 -12.20 -12.08
C ARG A 137 -7.19 -13.55 -11.73
N GLU A 138 -6.91 -13.77 -10.44
CA GLU A 138 -6.29 -15.02 -10.01
C GLU A 138 -7.08 -16.23 -10.48
N GLU A 139 -8.40 -16.21 -10.29
CA GLU A 139 -9.23 -17.33 -10.70
C GLU A 139 -9.26 -17.47 -12.22
N THR A 140 -9.18 -16.36 -12.95
CA THR A 140 -9.20 -16.43 -14.41
C THR A 140 -7.91 -17.03 -14.96
N LEU A 141 -6.76 -16.62 -14.40
CA LEU A 141 -5.47 -17.02 -14.96
C LEU A 141 -5.04 -18.42 -14.53
N ARG A 142 -5.83 -19.13 -13.72
CA ARG A 142 -5.54 -20.54 -13.50
C ARG A 142 -5.56 -21.32 -14.81
N GLU A 143 -6.39 -20.90 -15.76
CA GLU A 143 -6.41 -21.48 -17.10
C GLU A 143 -5.11 -21.12 -17.81
N GLU A 144 -4.24 -22.12 -17.99
CA GLU A 144 -2.93 -21.86 -18.58
C GLU A 144 -3.05 -21.29 -19.98
N ARG A 145 -4.17 -21.53 -20.67
CA ARG A 145 -4.35 -21.06 -22.03
C ARG A 145 -4.65 -19.57 -22.12
N ILE A 146 -4.94 -18.91 -21.00
CA ILE A 146 -5.06 -17.46 -20.95
C ILE A 146 -3.74 -16.90 -20.47
N ALA A 147 -3.27 -15.83 -21.13
CA ALA A 147 -1.99 -15.20 -20.81
C ALA A 147 -2.19 -13.70 -20.74
N LEU A 148 -1.81 -13.11 -19.61
CA LEU A 148 -1.87 -11.66 -19.43
C LEU A 148 -0.52 -11.06 -19.81
N VAL A 149 -0.55 -10.12 -20.76
CA VAL A 149 0.65 -9.48 -21.27
C VAL A 149 0.65 -8.05 -20.72
N GLU A 150 1.44 -7.83 -19.67
CA GLU A 150 1.44 -6.54 -18.99
C GLU A 150 2.35 -5.54 -19.68
N LYS A 151 2.17 -4.27 -19.33
CA LYS A 151 3.04 -3.17 -19.77
C LYS A 151 3.24 -3.18 -21.28
N THR A 152 2.12 -3.27 -22.00
CA THR A 152 2.13 -3.31 -23.46
C THR A 152 1.09 -2.35 -23.99
N GLU A 153 1.51 -1.41 -24.83
CA GLU A 153 0.59 -0.45 -25.42
C GLU A 153 -0.06 -1.04 -26.67
N VAL A 154 -1.34 -0.73 -26.86
CA VAL A 154 -2.08 -1.14 -28.05
C VAL A 154 -1.95 -0.03 -29.09
N LEU A 155 -1.37 -0.37 -30.25
CA LEU A 155 -1.09 0.63 -31.28
C LEU A 155 -2.16 0.74 -32.34
N ALA A 156 -2.68 -0.39 -32.85
CA ALA A 156 -3.64 -0.37 -33.94
C ALA A 156 -4.23 -1.77 -34.10
N LEU A 157 -5.42 -1.81 -34.69
CA LEU A 157 -6.03 -3.07 -35.11
C LEU A 157 -5.46 -3.51 -36.44
N LEU A 158 -5.16 -4.80 -36.55
CA LEU A 158 -4.70 -5.36 -37.81
C LEU A 158 -5.89 -5.73 -38.69
N GLY A 159 -5.66 -5.73 -40.00
CA GLY A 159 -6.72 -6.02 -40.94
C GLY A 159 -7.33 -4.79 -41.58
N ASP A 160 -8.65 -4.77 -41.73
CA ASP A 160 -9.32 -3.66 -42.38
C ASP A 160 -10.75 -3.54 -41.87
N ALA A 161 -11.50 -2.63 -42.48
CA ALA A 161 -12.91 -2.42 -42.12
C ALA A 161 -13.76 -3.66 -42.38
N GLY A 162 -13.28 -4.60 -43.20
CA GLY A 162 -14.04 -5.81 -43.47
C GLY A 162 -13.89 -6.88 -42.41
N ARG A 163 -12.66 -7.08 -41.92
CA ARG A 163 -12.40 -8.10 -40.91
C ARG A 163 -11.14 -7.73 -40.15
N VAL A 164 -11.23 -7.71 -38.82
CA VAL A 164 -10.07 -7.48 -37.96
C VAL A 164 -9.35 -8.80 -37.75
N THR A 165 -8.02 -8.77 -37.81
CA THR A 165 -7.21 -9.98 -37.77
C THR A 165 -6.16 -9.97 -36.66
N GLY A 166 -6.32 -9.12 -35.66
CA GLY A 166 -5.37 -9.04 -34.58
C GLY A 166 -5.06 -7.60 -34.25
N VAL A 167 -4.00 -7.39 -33.49
CA VAL A 167 -3.65 -6.06 -32.98
C VAL A 167 -2.14 -5.90 -33.01
N ARG A 168 -1.70 -4.70 -33.41
CA ARG A 168 -0.29 -4.31 -33.30
C ARG A 168 -0.04 -3.67 -31.94
N VAL A 169 0.98 -4.16 -31.24
CA VAL A 169 1.26 -3.72 -29.88
C VAL A 169 2.73 -3.32 -29.77
N ARG A 170 3.06 -2.64 -28.67
CA ARG A 170 4.43 -2.23 -28.38
C ARG A 170 4.78 -2.56 -26.93
N ASP A 171 5.90 -3.27 -26.74
CA ASP A 171 6.40 -3.54 -25.41
C ASP A 171 7.00 -2.28 -24.80
N GLN A 172 6.53 -1.92 -23.60
CA GLN A 172 7.00 -0.69 -22.98
C GLN A 172 8.47 -0.76 -22.61
N GLU A 173 8.90 -1.89 -22.04
CA GLU A 173 10.29 -2.03 -21.62
C GLU A 173 11.24 -1.96 -22.81
N SER A 174 11.13 -2.92 -23.74
CA SER A 174 12.06 -2.97 -24.86
C SER A 174 11.75 -1.90 -25.91
N GLY A 175 10.49 -1.50 -26.05
CA GLY A 175 10.11 -0.62 -27.13
C GLY A 175 9.82 -1.32 -28.44
N GLU A 176 9.92 -2.64 -28.48
CA GLU A 176 9.71 -3.37 -29.72
C GLU A 176 8.23 -3.42 -30.08
N GLU A 177 7.94 -3.30 -31.37
CA GLU A 177 6.58 -3.43 -31.88
C GLU A 177 6.42 -4.79 -32.53
N ARG A 178 5.30 -5.43 -32.26
CA ARG A 178 5.01 -6.73 -32.87
C ARG A 178 3.51 -6.85 -33.09
N GLU A 179 3.14 -7.64 -34.09
CA GLU A 179 1.75 -7.91 -34.37
C GLU A 179 1.33 -9.18 -33.66
N VAL A 180 0.12 -9.16 -33.11
CA VAL A 180 -0.43 -10.33 -32.42
C VAL A 180 -1.68 -10.77 -33.16
N PRO A 181 -1.67 -11.91 -33.82
CA PRO A 181 -2.82 -12.33 -34.63
C PRO A 181 -3.98 -12.80 -33.76
N ALA A 182 -5.17 -12.73 -34.34
CA ALA A 182 -6.39 -13.08 -33.64
C ALA A 182 -7.52 -13.32 -34.64
N ASP A 183 -8.36 -14.31 -34.33
CA ASP A 183 -9.61 -14.46 -35.06
C ASP A 183 -10.73 -13.60 -34.48
N LEU A 184 -10.55 -13.11 -33.25
CA LEU A 184 -11.55 -12.29 -32.58
C LEU A 184 -10.84 -11.35 -31.62
N VAL A 185 -11.06 -10.05 -31.80
CA VAL A 185 -10.51 -9.03 -30.93
C VAL A 185 -11.65 -8.43 -30.10
N VAL A 186 -11.46 -8.35 -28.80
CA VAL A 186 -12.46 -7.82 -27.87
C VAL A 186 -11.83 -6.65 -27.12
N ASP A 187 -12.39 -5.46 -27.30
CA ASP A 187 -11.88 -4.28 -26.64
C ASP A 187 -12.61 -4.10 -25.30
N THR A 188 -11.85 -4.20 -24.21
CA THR A 188 -12.36 -3.97 -22.86
C THR A 188 -11.45 -3.00 -22.12
N THR A 189 -10.97 -1.97 -22.81
CA THR A 189 -10.03 -1.00 -22.24
C THR A 189 -10.72 0.04 -21.36
N GLY A 190 -12.00 -0.13 -21.06
CA GLY A 190 -12.64 0.71 -20.06
C GLY A 190 -13.13 2.04 -20.59
N ARG A 191 -13.32 2.97 -19.64
CA ARG A 191 -13.92 4.26 -19.96
C ARG A 191 -13.00 5.10 -20.85
N GLY A 192 -11.69 5.04 -20.61
CA GLY A 192 -10.74 5.74 -21.44
C GLY A 192 -10.34 4.95 -22.68
N SER A 193 -11.30 4.25 -23.27
CA SER A 193 -10.99 3.36 -24.38
C SER A 193 -10.52 4.17 -25.59
N PRO A 194 -9.48 3.71 -26.29
CA PRO A 194 -9.07 4.39 -27.52
C PRO A 194 -9.74 3.80 -28.75
N SER A 195 -10.89 3.15 -28.55
CA SER A 195 -11.56 2.47 -29.65
C SER A 195 -11.94 3.43 -30.76
N LYS A 196 -12.40 4.63 -30.41
CA LYS A 196 -12.74 5.63 -31.43
C LYS A 196 -11.54 5.89 -32.34
N ARG A 197 -10.37 6.14 -31.74
CA ARG A 197 -9.16 6.29 -32.53
C ARG A 197 -8.87 5.03 -33.34
N LEU A 198 -8.93 3.86 -32.69
CA LEU A 198 -8.59 2.60 -33.35
C LEU A 198 -9.45 2.37 -34.60
N LEU A 199 -10.76 2.61 -34.50
CA LEU A 199 -11.62 2.38 -35.65
C LEU A 199 -11.58 3.53 -36.65
N ALA A 200 -11.19 4.73 -36.23
CA ALA A 200 -10.93 5.80 -37.20
C ALA A 200 -9.75 5.44 -38.09
N GLU A 201 -8.69 4.86 -37.51
CA GLU A 201 -7.55 4.42 -38.31
C GLU A 201 -7.91 3.23 -39.19
N LEU A 202 -8.90 2.44 -38.76
CA LEU A 202 -9.38 1.35 -39.60
C LEU A 202 -10.09 1.86 -40.85
N GLY A 203 -10.75 3.00 -40.74
CA GLY A 203 -11.57 3.55 -41.80
C GLY A 203 -13.06 3.45 -41.58
N LEU A 204 -13.51 3.29 -40.34
CA LEU A 204 -14.93 3.22 -40.05
C LEU A 204 -15.46 4.60 -39.67
N PRO A 205 -16.74 4.86 -39.91
CA PRO A 205 -17.32 6.13 -39.47
C PRO A 205 -17.38 6.21 -37.96
N ALA A 206 -17.45 7.45 -37.47
CA ALA A 206 -17.53 7.68 -36.04
C ALA A 206 -18.91 7.26 -35.52
N PRO A 207 -18.97 6.56 -34.40
CA PRO A 207 -20.27 6.14 -33.85
C PRO A 207 -20.97 7.28 -33.13
N GLU A 208 -22.29 7.19 -33.09
CA GLU A 208 -23.07 8.13 -32.30
C GLU A 208 -22.73 7.99 -30.83
N GLU A 209 -22.39 9.10 -30.18
CA GLU A 209 -22.11 9.12 -28.75
C GLU A 209 -23.27 9.80 -28.03
N GLU A 210 -23.87 9.08 -27.10
CA GLU A 210 -24.93 9.59 -26.24
C GLU A 210 -24.37 9.76 -24.84
N PHE A 211 -24.60 10.92 -24.21
CA PHE A 211 -24.18 11.12 -22.84
C PHE A 211 -25.19 11.95 -22.06
N VAL A 212 -25.15 11.77 -20.74
CA VAL A 212 -25.93 12.54 -19.78
C VAL A 212 -24.98 12.88 -18.64
N ASP A 213 -24.63 14.16 -18.52
CA ASP A 213 -23.60 14.61 -17.59
C ASP A 213 -24.24 15.47 -16.49
N SER A 214 -24.45 14.86 -15.33
CA SER A 214 -24.93 15.61 -14.17
C SER A 214 -23.83 16.42 -13.49
N GLY A 215 -22.57 16.19 -13.83
CA GLY A 215 -21.49 16.92 -13.20
C GLY A 215 -21.17 16.50 -11.79
N MET A 216 -21.55 15.29 -11.39
CA MET A 216 -21.30 14.82 -10.03
C MET A 216 -19.80 14.72 -9.79
N VAL A 217 -19.43 14.74 -8.51
CA VAL A 217 -18.04 14.54 -8.08
C VAL A 217 -18.05 13.61 -6.87
N TYR A 218 -17.05 12.74 -6.78
CA TYR A 218 -16.93 11.77 -5.70
C TYR A 218 -15.89 12.23 -4.68
N ALA A 219 -16.06 11.77 -3.44
CA ALA A 219 -15.07 11.97 -2.39
C ALA A 219 -15.16 10.79 -1.43
N THR A 220 -14.03 10.13 -1.18
CA THR A 220 -14.04 8.90 -0.41
C THR A 220 -12.91 8.90 0.61
N ARG A 221 -13.21 8.37 1.80
CA ARG A 221 -12.24 8.15 2.85
C ARG A 221 -12.44 6.75 3.42
N LEU A 222 -11.35 6.15 3.87
CA LEU A 222 -11.40 4.85 4.53
C LEU A 222 -11.41 5.05 6.04
N PHE A 223 -12.08 4.15 6.73
CA PHE A 223 -12.22 4.19 8.18
C PHE A 223 -12.05 2.78 8.73
N ARG A 224 -11.56 2.69 9.96
CA ARG A 224 -11.57 1.43 10.69
C ARG A 224 -12.82 1.40 11.57
N ALA A 225 -13.68 0.41 11.34
CA ALA A 225 -14.92 0.32 12.06
C ALA A 225 -14.66 -0.01 13.53
N PRO A 226 -15.61 0.32 14.42
CA PRO A 226 -15.54 -0.20 15.79
C PRO A 226 -15.41 -1.71 15.77
N GLU A 227 -14.63 -2.23 16.73
CA GLU A 227 -14.19 -3.63 16.66
C GLU A 227 -15.38 -4.58 16.60
N ALA A 228 -16.41 -4.34 17.41
CA ALA A 228 -17.58 -5.20 17.39
C ALA A 228 -18.41 -5.03 16.12
N ALA A 229 -18.22 -3.93 15.38
CA ALA A 229 -18.96 -3.68 14.15
C ALA A 229 -18.21 -4.14 12.91
N ALA A 230 -17.09 -4.85 13.06
CA ALA A 230 -16.30 -5.28 11.91
C ALA A 230 -17.07 -6.25 11.03
N THR A 231 -18.01 -7.01 11.61
CA THR A 231 -18.82 -7.95 10.86
C THR A 231 -20.29 -7.66 11.09
N ASN A 232 -21.12 -8.13 10.16
CA ASN A 232 -22.57 -8.03 10.25
C ASN A 232 -23.05 -6.59 10.38
N PHE A 233 -22.33 -5.65 9.77
CA PHE A 233 -22.88 -4.30 9.80
C PHE A 233 -23.62 -4.00 8.52
N PRO A 234 -24.70 -3.23 8.58
CA PRO A 234 -25.51 -2.98 7.38
C PRO A 234 -24.83 -2.02 6.42
N LEU A 235 -25.28 -2.07 5.17
CA LEU A 235 -24.99 -1.00 4.22
C LEU A 235 -25.83 0.21 4.55
N VAL A 236 -25.22 1.39 4.52
CA VAL A 236 -25.88 2.63 4.94
C VAL A 236 -25.75 3.66 3.81
N SER A 237 -26.88 4.22 3.39
CA SER A 237 -26.89 5.19 2.30
C SER A 237 -27.95 6.25 2.57
N VAL A 238 -27.63 7.46 2.13
CA VAL A 238 -28.55 8.60 2.18
C VAL A 238 -28.60 9.19 0.78
N HIS A 239 -29.77 9.15 0.16
CA HIS A 239 -29.91 9.50 -1.25
C HIS A 239 -30.49 10.89 -1.41
N ALA A 240 -30.14 11.52 -2.53
CA ALA A 240 -30.73 12.79 -2.88
C ALA A 240 -32.17 12.60 -3.35
N ASP A 241 -32.92 13.69 -3.32
CA ASP A 241 -34.27 13.73 -3.87
C ASP A 241 -34.16 14.28 -5.28
N HIS A 242 -34.11 13.37 -6.26
CA HIS A 242 -34.02 13.78 -7.66
C HIS A 242 -35.20 14.65 -8.09
N ARG A 243 -36.33 14.55 -7.38
CA ARG A 243 -37.51 15.36 -7.72
C ARG A 243 -37.30 16.82 -7.34
N ALA A 244 -36.61 17.08 -6.23
CA ALA A 244 -36.37 18.44 -5.78
C ALA A 244 -35.38 19.15 -6.71
N GLY A 245 -35.72 20.35 -7.15
CA GLY A 245 -34.86 21.12 -8.03
C GLY A 245 -33.64 21.67 -7.33
N ARG A 246 -32.80 20.78 -6.83
CA ARG A 246 -31.60 21.10 -6.09
C ARG A 246 -30.52 20.11 -6.46
N PRO A 247 -29.25 20.50 -6.39
CA PRO A 247 -28.15 19.55 -6.63
C PRO A 247 -28.32 18.26 -5.84
N GLY A 248 -28.02 17.14 -6.49
CA GLY A 248 -28.19 15.84 -5.88
C GLY A 248 -26.99 15.38 -5.08
N CYS A 249 -27.16 15.26 -3.76
CA CYS A 249 -26.08 14.89 -2.85
C CYS A 249 -26.37 13.54 -2.21
N ASN A 250 -25.37 12.66 -2.18
CA ASN A 250 -25.50 11.33 -1.62
C ASN A 250 -24.32 11.03 -0.69
N ALA A 251 -24.52 10.00 0.14
CA ALA A 251 -23.50 9.53 1.07
C ALA A 251 -23.72 8.05 1.31
N VAL A 252 -22.67 7.25 1.19
CA VAL A 252 -22.76 5.80 1.29
C VAL A 252 -21.66 5.29 2.22
N LEU A 253 -22.04 4.37 3.11
CA LEU A 253 -21.11 3.72 4.03
C LEU A 253 -21.24 2.22 3.82
N MET A 254 -20.12 1.57 3.52
CA MET A 254 -20.15 0.15 3.16
C MET A 254 -19.05 -0.60 3.90
N PRO A 255 -19.35 -1.77 4.46
CA PRO A 255 -18.28 -2.60 5.05
C PRO A 255 -17.42 -3.26 3.98
N ILE A 256 -16.14 -3.43 4.30
CA ILE A 256 -15.19 -4.19 3.49
C ILE A 256 -14.40 -5.12 4.39
N GLU A 257 -13.45 -5.82 3.79
CA GLU A 257 -12.61 -6.76 4.51
C GLU A 257 -11.70 -6.05 5.50
N ASP A 258 -11.30 -6.79 6.55
CA ASP A 258 -10.36 -6.32 7.56
C ASP A 258 -10.95 -5.21 8.44
N GLY A 259 -12.23 -5.34 8.76
CA GLY A 259 -12.86 -4.44 9.71
C GLY A 259 -12.82 -2.97 9.32
N ARG A 260 -12.89 -2.67 8.04
CA ARG A 260 -12.87 -1.28 7.58
C ARG A 260 -14.23 -0.89 7.02
N TRP A 261 -14.40 0.42 6.87
CA TRP A 261 -15.55 1.01 6.20
C TRP A 261 -15.02 1.92 5.10
N ILE A 262 -15.54 1.76 3.89
CA ILE A 262 -15.32 2.75 2.84
C ILE A 262 -16.54 3.65 2.79
N VAL A 263 -16.30 4.95 2.76
CA VAL A 263 -17.36 5.96 2.85
C VAL A 263 -17.21 6.90 1.68
N THR A 264 -18.25 7.00 0.86
CA THR A 264 -18.23 7.82 -0.33
C THR A 264 -19.39 8.79 -0.30
N VAL A 265 -19.08 10.08 -0.50
CA VAL A 265 -20.10 11.12 -0.60
C VAL A 265 -19.97 11.76 -1.98
N SER A 266 -21.12 12.18 -2.53
CA SER A 266 -21.16 12.64 -3.90
C SER A 266 -22.16 13.78 -4.03
N GLY A 267 -21.96 14.60 -5.05
CA GLY A 267 -22.80 15.75 -5.29
C GLY A 267 -22.73 16.27 -6.70
N THR A 268 -23.89 16.57 -7.29
CA THR A 268 -23.97 17.04 -8.67
C THR A 268 -23.47 18.47 -8.77
N ARG A 269 -23.63 19.07 -9.95
CA ARG A 269 -23.16 20.43 -10.21
C ARG A 269 -23.77 21.40 -9.20
N GLY A 270 -22.93 22.04 -8.41
CA GLY A 270 -23.35 22.97 -7.38
C GLY A 270 -23.38 22.38 -5.98
N GLY A 271 -23.26 21.07 -5.84
CA GLY A 271 -23.25 20.44 -4.54
C GLY A 271 -22.13 19.45 -4.36
N GLU A 272 -20.99 19.71 -5.01
CA GLU A 272 -19.89 18.75 -4.98
C GLU A 272 -19.22 18.76 -3.61
N PRO A 273 -18.87 17.59 -3.07
CA PRO A 273 -18.18 17.55 -1.77
C PRO A 273 -16.80 18.16 -1.87
N PRO A 274 -16.25 18.64 -0.76
CA PRO A 274 -14.92 19.25 -0.78
C PRO A 274 -13.83 18.18 -0.73
N ALA A 275 -12.58 18.65 -0.87
CA ALA A 275 -11.43 17.76 -0.92
C ALA A 275 -10.71 17.61 0.41
N ASP A 276 -11.04 18.42 1.41
CA ASP A 276 -10.33 18.39 2.68
C ASP A 276 -11.05 17.50 3.67
N ASP A 277 -10.27 16.90 4.59
CA ASP A 277 -10.83 15.95 5.54
C ASP A 277 -11.91 16.59 6.41
N GLU A 278 -11.72 17.84 6.81
CA GLU A 278 -12.71 18.52 7.64
C GLU A 278 -14.05 18.66 6.92
N GLY A 279 -14.02 19.08 5.65
CA GLY A 279 -15.24 19.23 4.89
C GLY A 279 -15.93 17.92 4.56
N PHE A 280 -15.19 16.82 4.63
CA PHE A 280 -15.77 15.50 4.38
C PHE A 280 -16.84 15.18 5.43
N ALA A 281 -16.47 15.26 6.71
CA ALA A 281 -17.41 14.93 7.78
C ALA A 281 -18.60 15.89 7.81
N ARG A 282 -18.38 17.15 7.47
CA ARG A 282 -19.49 18.10 7.45
C ARG A 282 -20.45 17.80 6.31
N PHE A 283 -19.92 17.53 5.12
CA PHE A 283 -20.78 17.14 4.00
C PHE A 283 -21.60 15.90 4.31
N ALA A 284 -20.96 14.90 4.93
CA ALA A 284 -21.69 13.71 5.34
C ALA A 284 -22.74 14.03 6.40
N ARG A 285 -22.51 15.07 7.19
CA ARG A 285 -23.46 15.52 8.19
C ARG A 285 -24.50 16.48 7.58
N ASP A 286 -24.04 17.61 7.04
CA ASP A 286 -24.94 18.69 6.65
C ASP A 286 -25.21 18.76 5.15
N GLY A 287 -24.33 18.19 4.31
CA GLY A 287 -24.51 18.30 2.86
C GLY A 287 -25.58 17.41 2.29
N VAL A 288 -25.96 16.36 3.00
CA VAL A 288 -26.97 15.41 2.52
C VAL A 288 -28.27 15.64 3.28
N ARG A 289 -29.33 14.95 2.83
CA ARG A 289 -30.66 15.15 3.40
C ARG A 289 -30.82 14.56 4.79
N HIS A 290 -29.83 13.80 5.27
CA HIS A 290 -29.89 13.21 6.61
C HIS A 290 -28.46 12.89 7.05
N PRO A 291 -28.09 13.19 8.31
CA PRO A 291 -26.69 13.09 8.71
C PRO A 291 -26.24 11.73 9.23
N LEU A 292 -27.02 10.67 9.00
CA LEU A 292 -26.71 9.37 9.60
C LEU A 292 -25.27 8.95 9.32
N VAL A 293 -24.87 8.95 8.04
CA VAL A 293 -23.50 8.55 7.69
C VAL A 293 -22.49 9.42 8.41
N GLY A 294 -22.77 10.72 8.54
CA GLY A 294 -21.89 11.58 9.30
C GLY A 294 -21.82 11.20 10.77
N GLU A 295 -22.94 10.75 11.33
CA GLU A 295 -22.96 10.32 12.73
C GLU A 295 -22.18 9.02 12.95
N LEU A 296 -22.20 8.13 11.96
CA LEU A 296 -21.53 6.83 12.13
C LEU A 296 -20.01 6.96 12.03
N ILE A 297 -19.53 7.75 11.07
CA ILE A 297 -18.08 7.85 10.85
C ILE A 297 -17.40 8.54 12.03
N ALA A 298 -18.13 9.28 12.85
CA ALA A 298 -17.58 9.89 14.05
C ALA A 298 -17.42 8.84 15.16
N ALA A 300 -15.68 6.48 14.31
CA ALA A 300 -14.67 5.62 13.71
C ALA A 300 -13.40 6.43 13.47
N GLN A 301 -12.31 5.75 13.19
CA GLN A 301 -11.02 6.38 13.05
C GLN A 301 -10.65 6.46 11.57
N PRO A 302 -10.33 7.63 11.07
CA PRO A 302 -9.93 7.74 9.66
C PRO A 302 -8.60 7.05 9.38
N LEU A 303 -8.51 6.42 8.21
CA LEU A 303 -7.29 5.72 7.78
C LEU A 303 -6.63 6.33 6.55
N THR A 304 -7.37 7.03 5.69
CA THR A 304 -6.84 7.62 4.48
C THR A 304 -7.35 9.06 4.35
N SER A 305 -6.76 9.79 3.41
CA SER A 305 -7.19 11.14 3.12
C SER A 305 -8.14 11.13 1.92
N VAL A 306 -8.77 12.28 1.68
CA VAL A 306 -9.87 12.36 0.73
C VAL A 306 -9.35 12.11 -0.68
N GLU A 307 -10.01 11.21 -1.40
CA GLU A 307 -9.77 10.96 -2.82
C GLU A 307 -11.02 11.33 -3.59
N ARG A 308 -10.86 12.19 -4.59
CA ARG A 308 -11.97 12.63 -5.42
C ARG A 308 -11.85 12.05 -6.83
N SER A 309 -12.98 12.05 -7.55
CA SER A 309 -13.02 11.54 -8.91
C SER A 309 -14.18 12.19 -9.66
N ARG A 310 -13.94 12.49 -10.94
CA ARG A 310 -14.92 13.15 -11.79
C ARG A 310 -15.48 12.22 -12.88
N SER A 311 -15.06 10.96 -12.92
CA SER A 311 -15.50 10.04 -13.96
C SER A 311 -16.94 9.64 -13.67
N THR A 312 -17.86 10.56 -13.99
CA THR A 312 -19.25 10.46 -13.61
C THR A 312 -20.23 10.36 -14.78
N VAL A 313 -19.80 10.68 -15.99
CA VAL A 313 -20.72 10.81 -17.11
C VAL A 313 -21.25 9.44 -17.52
N ASN A 314 -22.57 9.35 -17.73
CA ASN A 314 -23.14 8.24 -18.48
C ASN A 314 -22.85 8.48 -19.94
N ARG A 315 -21.95 7.69 -20.52
CA ARG A 315 -21.66 7.84 -21.94
C ARG A 315 -21.78 6.49 -22.61
N ARG A 316 -22.41 6.49 -23.79
CA ARG A 316 -22.68 5.27 -24.55
C ARG A 316 -22.32 5.49 -26.00
N LEU A 317 -21.68 4.48 -26.59
CA LEU A 317 -21.29 4.49 -27.99
C LEU A 317 -22.08 3.43 -28.74
N HIS A 318 -22.84 3.87 -29.74
CA HIS A 318 -23.75 2.98 -30.47
C HIS A 318 -23.01 2.30 -31.63
N TYR A 319 -22.04 1.47 -31.26
CA TYR A 319 -21.28 0.71 -32.24
C TYR A 319 -22.18 -0.24 -33.03
N ASP A 320 -23.23 -0.76 -32.40
CA ASP A 320 -24.11 -1.71 -33.06
C ASP A 320 -24.90 -1.08 -34.20
N ARG A 321 -25.03 0.25 -34.22
CA ARG A 321 -25.81 0.93 -35.23
C ARG A 321 -24.96 1.49 -36.37
N LEU A 322 -23.68 1.10 -36.44
CA LEU A 322 -22.83 1.58 -37.52
C LEU A 322 -23.29 0.96 -38.85
N ALA A 323 -23.08 1.71 -39.93
CA ALA A 323 -23.46 1.21 -41.24
C ALA A 323 -22.66 -0.04 -41.61
N THR A 324 -21.37 -0.02 -41.37
CA THR A 324 -20.50 -1.16 -41.61
C THR A 324 -19.75 -1.50 -40.33
N TRP A 325 -19.52 -2.79 -40.11
CA TRP A 325 -18.85 -3.27 -38.91
C TRP A 325 -17.96 -4.44 -39.31
N PRO A 326 -16.71 -4.46 -38.85
CA PRO A 326 -15.79 -5.53 -39.28
C PRO A 326 -16.08 -6.83 -38.55
N GLU A 327 -15.86 -7.92 -39.28
CA GLU A 327 -15.93 -9.24 -38.65
C GLU A 327 -14.78 -9.41 -37.66
N GLY A 328 -15.05 -10.16 -36.60
CA GLY A 328 -14.02 -10.44 -35.62
C GLY A 328 -13.65 -9.29 -34.72
N LEU A 329 -14.59 -8.40 -34.41
CA LEU A 329 -14.32 -7.28 -33.51
C LEU A 329 -15.55 -7.02 -32.64
N VAL A 330 -15.34 -6.96 -31.33
CA VAL A 330 -16.41 -6.72 -30.37
C VAL A 330 -15.90 -5.76 -29.29
N VAL A 331 -16.78 -4.88 -28.83
CA VAL A 331 -16.46 -3.91 -27.78
C VAL A 331 -17.47 -4.10 -26.64
N LEU A 332 -16.98 -4.20 -25.41
CA LEU A 332 -17.86 -4.36 -24.27
C LEU A 332 -17.21 -3.78 -23.02
N GLY A 333 -17.99 -3.71 -21.95
CA GLY A 333 -17.55 -3.05 -20.73
C GLY A 333 -17.76 -1.55 -20.81
N ASP A 334 -16.99 -0.83 -19.99
CA ASP A 334 -17.06 0.62 -19.99
C ASP A 334 -16.71 1.23 -21.34
N ALA A 335 -16.03 0.48 -22.21
CA ALA A 335 -15.66 0.98 -23.53
C ALA A 335 -16.87 1.22 -24.42
N VAL A 336 -17.97 0.50 -24.18
CA VAL A 336 -19.18 0.71 -24.94
C VAL A 336 -20.26 1.46 -24.14
N ALA A 337 -20.33 1.25 -22.83
CA ALA A 337 -21.34 1.93 -22.02
C ALA A 337 -20.83 2.09 -20.59
N ALA A 338 -20.62 3.33 -20.18
CA ALA A 338 -20.25 3.67 -18.81
C ALA A 338 -21.36 4.49 -18.17
N PHE A 339 -21.47 4.41 -16.84
CA PHE A 339 -22.61 4.96 -16.12
C PHE A 339 -22.15 5.82 -14.94
N ASN A 340 -23.05 6.67 -14.48
CA ASN A 340 -22.88 7.36 -13.21
C ASN A 340 -22.77 6.33 -12.10
N PRO A 341 -21.66 6.29 -11.36
CA PRO A 341 -21.44 5.18 -10.43
C PRO A 341 -22.35 5.16 -9.21
N VAL A 342 -23.10 6.23 -8.92
CA VAL A 342 -23.92 6.25 -7.71
C VAL A 342 -24.97 5.17 -7.72
N TYR A 343 -25.29 4.62 -8.89
CA TYR A 343 -26.23 3.52 -8.98
C TYR A 343 -25.53 2.15 -8.93
N GLY A 344 -24.25 2.11 -9.23
CA GLY A 344 -23.44 0.91 -9.03
C GLY A 344 -23.75 -0.26 -9.94
N HIS A 345 -23.95 -0.01 -11.24
CA HIS A 345 -24.31 -1.08 -12.16
C HIS A 345 -23.19 -1.52 -13.08
N GLY A 346 -22.13 -0.71 -13.24
CA GLY A 346 -21.07 -0.95 -14.20
C GLY A 346 -20.54 -2.36 -14.29
N MET A 347 -20.13 -2.96 -13.16
CA MET A 347 -19.55 -4.29 -13.20
C MET A 347 -20.58 -5.34 -13.63
N SER A 348 -21.82 -5.22 -13.13
CA SER A 348 -22.86 -6.17 -13.49
C SER A 348 -23.28 -6.00 -14.94
N ALA A 349 -23.20 -4.78 -15.47
CA ALA A 349 -23.49 -4.56 -16.88
C ALA A 349 -22.44 -5.21 -17.77
N ALA A 350 -21.17 -5.14 -17.36
CA ALA A 350 -20.11 -5.83 -18.10
C ALA A 350 -20.32 -7.33 -18.05
N ALA A 351 -20.69 -7.87 -16.88
CA ALA A 351 -20.96 -9.30 -16.77
C ALA A 351 -22.09 -9.71 -17.71
N HIS A 352 -23.19 -8.95 -17.70
CA HIS A 352 -24.33 -9.27 -18.55
C HIS A 352 -23.94 -9.30 -20.03
N SER A 353 -23.01 -8.43 -20.43
CA SER A 353 -22.62 -8.35 -21.83
C SER A 353 -21.65 -9.46 -22.22
N VAL A 354 -20.94 -10.05 -21.25
CA VAL A 354 -20.13 -11.22 -21.54
C VAL A 354 -21.02 -12.42 -21.84
N LEU A 355 -22.14 -12.55 -21.11
CA LEU A 355 -23.08 -13.62 -21.40
C LEU A 355 -23.78 -13.41 -22.74
N ALA A 356 -23.94 -12.16 -23.16
CA ALA A 356 -24.49 -11.89 -24.48
C ALA A 356 -23.53 -12.34 -25.57
N LEU A 357 -22.23 -12.05 -25.40
CA LEU A 357 -21.24 -12.56 -26.33
C LEU A 357 -21.25 -14.09 -26.36
N ARG A 358 -21.22 -14.71 -25.18
CA ARG A 358 -21.24 -16.17 -25.11
C ARG A 358 -22.44 -16.76 -25.84
N SER A 359 -23.62 -16.15 -25.68
CA SER A 359 -24.82 -16.71 -26.28
C SER A 359 -24.75 -16.63 -27.80
N GLN A 360 -24.20 -15.55 -28.34
CA GLN A 360 -24.02 -15.44 -29.79
C GLN A 360 -22.94 -16.40 -30.28
N LEU A 361 -21.89 -16.65 -29.48
CA LEU A 361 -20.86 -17.60 -29.88
C LEU A 361 -21.45 -19.00 -30.06
N GLY A 362 -22.28 -19.44 -29.11
CA GLY A 362 -22.90 -20.74 -29.23
C GLY A 362 -23.91 -20.85 -30.35
N GLN A 363 -24.49 -19.73 -30.77
CA GLN A 363 -25.50 -19.75 -31.83
C GLN A 363 -24.88 -19.71 -33.23
N ARG A 364 -23.82 -18.92 -33.42
CA ARG A 364 -23.27 -18.69 -34.74
C ARG A 364 -21.83 -19.18 -34.89
N ALA A 365 -21.20 -19.69 -33.84
CA ALA A 365 -19.79 -20.09 -33.84
C ALA A 365 -18.98 -18.88 -34.33
N PHE A 366 -18.09 -19.03 -35.31
CA PHE A 366 -17.28 -17.92 -35.79
C PHE A 366 -17.61 -17.57 -37.23
N GLN A 367 -18.85 -17.78 -37.63
CA GLN A 367 -19.29 -17.49 -38.98
C GLN A 367 -19.41 -15.98 -39.18
N PRO A 368 -19.47 -15.53 -40.44
CA PRO A 368 -19.68 -14.10 -40.69
C PRO A 368 -21.02 -13.62 -40.14
N GLY A 369 -20.96 -12.55 -39.34
CA GLY A 369 -22.11 -12.08 -38.60
C GLY A 369 -21.96 -12.18 -37.10
N LEU A 370 -20.91 -12.86 -36.63
CA LEU A 370 -20.71 -13.03 -35.19
C LEU A 370 -20.46 -11.69 -34.50
N ALA A 371 -19.49 -10.92 -35.00
CA ALA A 371 -19.15 -9.65 -34.37
C ALA A 371 -20.35 -8.72 -34.32
N ARG A 372 -21.11 -8.63 -35.42
CA ARG A 372 -22.25 -7.73 -35.48
C ARG A 372 -23.39 -8.23 -34.59
N ALA A 373 -23.66 -9.53 -34.61
CA ALA A 373 -24.69 -10.08 -33.74
C ALA A 373 -24.33 -9.91 -32.27
N ALA A 374 -23.05 -10.09 -31.93
CA ALA A 374 -22.63 -9.88 -30.54
C ALA A 374 -22.76 -8.42 -30.14
N GLN A 375 -22.32 -7.50 -31.01
CA GLN A 375 -22.40 -6.08 -30.68
C GLN A 375 -23.84 -5.63 -30.47
N ARG A 376 -24.76 -6.14 -31.30
CA ARG A 376 -26.18 -5.83 -31.09
C ARG A 376 -26.68 -6.40 -29.76
N ALA A 377 -26.32 -7.66 -29.46
CA ALA A 377 -26.78 -8.28 -28.23
C ALA A 377 -26.19 -7.60 -27.00
N ILE A 378 -24.96 -7.10 -27.09
CA ILE A 378 -24.36 -6.36 -25.98
C ILE A 378 -25.11 -5.05 -25.74
N ALA A 379 -25.61 -4.42 -26.80
CA ALA A 379 -26.37 -3.19 -26.65
C ALA A 379 -27.67 -3.41 -25.89
N VAL A 380 -28.30 -4.57 -26.06
CA VAL A 380 -29.49 -4.89 -25.28
C VAL A 380 -29.11 -5.23 -23.86
N ALA A 381 -27.94 -5.83 -23.66
CA ALA A 381 -27.52 -6.26 -22.32
C ALA A 381 -27.34 -5.08 -21.38
N VAL A 382 -26.79 -3.96 -21.87
CA VAL A 382 -26.52 -2.81 -21.01
C VAL A 382 -27.68 -1.83 -20.93
N ASP A 383 -28.75 -2.04 -21.70
CA ASP A 383 -29.76 -1.00 -21.86
C ASP A 383 -30.45 -0.67 -20.55
N ASP A 384 -30.77 -1.68 -19.73
CA ASP A 384 -31.48 -1.43 -18.48
C ASP A 384 -30.65 -0.56 -17.54
N ALA A 385 -29.38 -0.92 -17.35
CA ALA A 385 -28.49 -0.10 -16.53
C ALA A 385 -28.32 1.30 -17.11
N TRP A 386 -28.39 1.43 -18.43
CA TRP A 386 -28.27 2.75 -19.05
C TRP A 386 -29.49 3.61 -18.79
N VAL A 387 -30.67 2.98 -18.76
CA VAL A 387 -31.91 3.74 -18.59
C VAL A 387 -32.08 4.18 -17.14
N LEU A 388 -31.81 3.28 -16.18
CA LEU A 388 -31.98 3.63 -14.77
C LEU A 388 -31.11 4.81 -14.37
N ALA A 389 -29.88 4.87 -14.88
CA ALA A 389 -28.97 5.95 -14.52
C ALA A 389 -29.34 7.26 -15.21
N THR A 390 -29.57 7.23 -16.52
CA THR A 390 -29.81 8.46 -17.27
C THR A 390 -31.14 9.09 -16.91
N SER A 391 -32.16 8.27 -16.62
CA SER A 391 -33.48 8.82 -16.33
C SER A 391 -33.55 9.47 -14.95
N HIS A 392 -32.58 9.19 -14.09
CA HIS A 392 -32.48 9.86 -12.80
C HIS A 392 -31.50 11.02 -12.80
N ASP A 393 -30.46 10.97 -13.64
CA ASP A 393 -29.53 12.09 -13.73
C ASP A 393 -30.06 13.25 -14.57
N ILE A 394 -31.01 12.98 -15.49
CA ILE A 394 -31.45 14.01 -16.42
C ILE A 394 -32.23 15.13 -15.75
N GLY A 395 -32.67 14.93 -14.51
CA GLY A 395 -33.49 15.92 -13.85
C GLY A 395 -32.73 16.97 -13.06
N TYR A 396 -31.49 16.66 -12.68
CA TYR A 396 -30.75 17.54 -11.78
C TYR A 396 -30.42 18.85 -12.49
N PRO A 397 -30.35 19.96 -11.74
CA PRO A 397 -30.10 21.26 -12.37
C PRO A 397 -28.74 21.31 -13.05
N GLY A 398 -28.69 22.02 -14.17
CA GLY A 398 -27.43 22.20 -14.87
C GLY A 398 -26.91 20.98 -15.57
N CYS A 399 -27.73 19.96 -15.77
CA CYS A 399 -27.28 18.73 -16.39
C CYS A 399 -27.09 18.92 -17.88
N ARG A 400 -26.00 18.37 -18.41
CA ARG A 400 -25.65 18.46 -19.82
C ARG A 400 -25.91 17.12 -20.49
N THR A 401 -26.60 17.15 -21.62
CA THR A 401 -27.08 15.94 -22.28
C THR A 401 -26.85 16.04 -23.78
N GLN A 402 -26.63 14.87 -24.41
CA GLN A 402 -26.55 14.75 -25.86
C GLN A 402 -27.16 13.39 -26.21
N THR A 403 -28.42 13.41 -26.65
CA THR A 403 -29.14 12.17 -26.87
C THR A 403 -30.22 12.36 -27.92
N ARG A 404 -30.58 11.26 -28.59
CA ARG A 404 -31.74 11.19 -29.46
C ARG A 404 -32.76 10.17 -28.96
N ASP A 405 -32.57 9.62 -27.77
CA ASP A 405 -33.43 8.57 -27.25
C ASP A 405 -34.75 9.16 -26.77
N PRO A 406 -35.89 8.75 -27.32
CA PRO A 406 -37.18 9.33 -26.89
C PRO A 406 -37.49 9.13 -25.41
N ARG A 407 -37.00 8.07 -24.78
CA ARG A 407 -37.26 7.86 -23.37
C ARG A 407 -36.65 8.97 -22.50
N LEU A 408 -35.68 9.71 -23.01
CA LEU A 408 -35.06 10.81 -22.27
C LEU A 408 -35.56 12.18 -22.70
N THR A 409 -36.22 12.27 -23.85
CA THR A 409 -36.64 13.55 -24.41
C THR A 409 -38.15 13.73 -24.41
N ARG A 410 -38.87 12.76 -24.93
CA ARG A 410 -40.34 12.88 -25.03
C ARG A 410 -41.06 12.40 -23.77
N HIS A 411 -40.86 11.13 -23.39
CA HIS A 411 -41.55 10.48 -22.27
C HIS A 411 -40.67 10.46 -21.04
N ALA A 412 -40.02 11.57 -20.71
CA ALA A 412 -39.31 11.63 -19.45
C ALA A 412 -40.24 11.95 -18.29
N GLY A 413 -41.22 12.84 -18.51
CA GLY A 413 -42.14 13.19 -17.44
C GLY A 413 -43.03 12.04 -17.01
N GLU A 414 -43.59 11.30 -17.97
CA GLU A 414 -44.48 10.20 -17.62
C GLU A 414 -43.70 9.00 -17.08
N ARG A 415 -42.48 8.78 -17.57
CA ARG A 415 -41.67 7.70 -17.02
C ARG A 415 -41.20 8.03 -15.61
N GLN A 416 -41.04 9.31 -15.29
CA GLN A 416 -40.72 9.72 -13.94
C GLN A 416 -41.93 9.65 -13.01
N ARG A 417 -43.14 9.65 -13.56
CA ARG A 417 -44.31 9.57 -12.70
C ARG A 417 -44.59 8.14 -12.25
N VAL A 418 -44.52 7.17 -13.17
CA VAL A 418 -44.59 5.78 -12.78
C VAL A 418 -43.45 5.41 -11.82
N THR A 419 -42.24 5.92 -12.09
CA THR A 419 -41.10 5.50 -11.28
C THR A 419 -41.14 6.08 -9.87
N ASP A 420 -41.71 7.27 -9.69
CA ASP A 420 -41.81 7.81 -8.34
C ASP A 420 -42.84 7.05 -7.51
N LEU A 421 -43.82 6.40 -8.14
CA LEU A 421 -44.81 5.64 -7.39
C LEU A 421 -44.33 4.22 -7.06
N VAL A 422 -43.63 3.57 -7.98
CA VAL A 422 -42.98 2.30 -7.60
C VAL A 422 -41.99 2.53 -6.46
N GLY A 423 -41.18 3.59 -6.56
CA GLY A 423 -40.20 3.85 -5.52
C GLY A 423 -40.81 4.19 -4.18
N LEU A 424 -41.86 5.02 -4.19
CA LEU A 424 -42.55 5.36 -2.95
C LEU A 424 -43.15 4.12 -2.29
N THR A 425 -43.87 3.31 -3.06
CA THR A 425 -44.53 2.15 -2.48
C THR A 425 -43.52 1.08 -2.08
N ALA A 426 -42.41 0.95 -2.81
CA ALA A 426 -41.42 -0.06 -2.48
C ALA A 426 -40.81 0.17 -1.10
N THR A 427 -40.78 1.41 -0.62
CA THR A 427 -40.28 1.67 0.72
C THR A 427 -41.17 1.05 1.80
N ARG A 428 -42.42 0.72 1.47
CA ARG A 428 -43.36 0.26 2.49
C ARG A 428 -44.22 -0.91 2.04
N ASN A 429 -43.92 -1.54 0.91
CA ASN A 429 -44.67 -2.70 0.43
C ASN A 429 -43.67 -3.79 0.07
N GLN A 430 -43.87 -4.98 0.64
CA GLN A 430 -42.89 -6.06 0.45
C GLN A 430 -42.86 -6.54 -0.99
N VAL A 431 -44.02 -6.72 -1.61
CA VAL A 431 -44.07 -7.23 -2.98
C VAL A 431 -43.44 -6.22 -3.95
N VAL A 432 -43.84 -4.95 -3.83
CA VAL A 432 -43.27 -3.93 -4.71
C VAL A 432 -41.76 -3.84 -4.54
N ASN A 433 -41.29 -3.85 -3.30
CA ASN A 433 -39.86 -3.76 -3.04
C ASN A 433 -39.12 -4.93 -3.68
N ARG A 434 -39.66 -6.14 -3.50
CA ARG A 434 -39.08 -7.34 -4.09
C ARG A 434 -38.87 -7.18 -5.59
N ALA A 435 -39.92 -6.80 -6.31
CA ALA A 435 -39.80 -6.60 -7.75
C ALA A 435 -38.91 -5.41 -8.08
N ALA A 436 -38.90 -4.38 -7.22
CA ALA A 436 -38.09 -3.20 -7.48
C ALA A 436 -36.60 -3.50 -7.33
N VAL A 437 -36.23 -4.29 -6.32
CA VAL A 437 -34.80 -4.56 -6.13
C VAL A 437 -34.32 -5.65 -7.07
N ALA A 438 -35.22 -6.49 -7.60
CA ALA A 438 -34.83 -7.41 -8.66
C ALA A 438 -34.37 -6.65 -9.90
N LEU A 439 -35.08 -5.56 -10.24
CA LEU A 439 -34.66 -4.75 -11.38
C LEU A 439 -33.41 -3.95 -11.07
N ASN A 440 -33.36 -3.32 -9.89
CA ASN A 440 -32.24 -2.44 -9.57
C ASN A 440 -30.93 -3.19 -9.42
N THR A 441 -30.98 -4.46 -9.01
CA THR A 441 -29.78 -5.29 -8.96
C THR A 441 -29.52 -6.00 -10.28
N LEU A 442 -30.30 -5.69 -11.32
CA LEU A 442 -30.18 -6.33 -12.63
C LEU A 442 -30.29 -7.85 -12.50
N SER A 443 -31.22 -8.30 -11.65
CA SER A 443 -31.59 -9.71 -11.57
C SER A 443 -32.87 -10.00 -12.33
N ALA A 444 -33.45 -9.00 -12.99
CA ALA A 444 -34.67 -9.16 -13.77
C ALA A 444 -34.75 -7.98 -14.73
N GLY A 445 -35.46 -8.20 -15.84
CA GLY A 445 -35.55 -7.18 -16.87
C GLY A 445 -36.57 -6.11 -16.58
N MET A 446 -36.46 -5.01 -17.33
CA MET A 446 -37.37 -3.89 -17.18
C MET A 446 -38.84 -4.31 -17.29
N ALA A 447 -39.12 -5.30 -18.16
CA ALA A 447 -40.49 -5.72 -18.37
C ALA A 447 -41.11 -6.32 -17.11
N SER A 448 -40.29 -6.87 -16.22
CA SER A 448 -40.80 -7.52 -15.02
C SER A 448 -41.62 -6.59 -14.15
N MET A 449 -41.42 -5.28 -14.27
CA MET A 449 -42.24 -4.32 -13.53
C MET A 449 -43.63 -4.17 -14.14
N GLN A 450 -43.87 -4.71 -15.32
CA GLN A 450 -45.18 -4.69 -15.96
C GLN A 450 -46.04 -5.90 -15.61
N ASP A 451 -45.55 -6.79 -14.76
CA ASP A 451 -46.34 -7.92 -14.29
C ASP A 451 -47.58 -7.42 -13.55
N PRO A 452 -48.78 -7.84 -13.96
CA PRO A 452 -50.00 -7.40 -13.23
C PRO A 452 -49.91 -7.58 -11.73
N ALA A 453 -49.24 -8.63 -11.25
CA ALA A 453 -49.10 -8.84 -9.81
C ALA A 453 -48.33 -7.70 -9.15
N VAL A 454 -47.43 -7.04 -9.90
CA VAL A 454 -46.64 -5.96 -9.33
C VAL A 454 -47.48 -4.68 -9.23
N MET A 455 -48.15 -4.31 -10.32
CA MET A 455 -48.98 -3.12 -10.32
C MET A 455 -50.17 -3.24 -9.38
N ALA A 456 -50.63 -4.47 -9.11
CA ALA A 456 -51.68 -4.67 -8.12
C ALA A 456 -51.19 -4.30 -6.72
N ALA A 457 -50.00 -4.79 -6.35
CA ALA A 457 -49.42 -4.44 -5.07
C ALA A 457 -49.19 -2.94 -4.96
N VAL A 458 -48.73 -2.31 -6.04
CA VAL A 458 -48.59 -0.85 -6.05
C VAL A 458 -49.91 -0.19 -5.72
N ARG A 459 -51.00 -0.65 -6.36
CA ARG A 459 -52.32 -0.11 -6.07
C ARG A 459 -52.78 -0.45 -4.66
N ARG A 460 -52.33 -1.59 -4.12
CA ARG A 460 -52.71 -1.96 -2.76
C ARG A 460 -52.16 -0.97 -1.74
N GLY A 461 -51.00 -0.37 -2.02
CA GLY A 461 -50.46 0.67 -1.18
C GLY A 461 -49.57 0.14 -0.06
N PRO A 462 -49.26 1.01 0.90
CA PRO A 462 -48.34 0.62 1.97
C PRO A 462 -48.97 -0.37 2.95
N GLU A 463 -48.16 -1.35 3.38
CA GLU A 463 -48.55 -2.27 4.44
C GLU A 463 -47.85 -2.00 5.77
N VAL A 464 -46.89 -1.09 5.80
CA VAL A 464 -46.21 -0.69 7.03
C VAL A 464 -46.11 0.83 7.06
N PRO A 465 -45.98 1.41 8.26
CA PRO A 465 -45.82 2.87 8.35
C PRO A 465 -44.44 3.31 7.87
N ALA A 466 -44.39 4.53 7.38
CA ALA A 466 -43.12 5.13 6.99
C ALA A 466 -42.25 5.34 8.22
N PRO A 467 -41.02 4.81 8.25
CA PRO A 467 -40.18 4.95 9.44
C PRO A 467 -39.90 6.41 9.75
N THR A 468 -39.94 6.76 11.04
CA THR A 468 -39.70 8.12 11.48
C THR A 468 -38.26 8.37 11.89
N GLU A 469 -37.47 7.33 12.10
CA GLU A 469 -36.06 7.43 12.43
C GLU A 469 -35.30 6.39 11.61
N PRO A 470 -33.98 6.52 11.51
CA PRO A 470 -33.18 5.48 10.83
C PRO A 470 -33.49 4.10 11.37
N PRO A 471 -33.90 3.16 10.51
CA PRO A 471 -34.27 1.80 10.98
C PRO A 471 -33.06 0.95 11.34
N LEU A 472 -32.31 1.39 12.34
CA LEU A 472 -31.16 0.63 12.83
C LEU A 472 -31.60 -0.34 13.92
N ARG A 473 -30.96 -1.50 13.94
CA ARG A 473 -31.25 -2.46 15.00
C ARG A 473 -30.52 -2.06 16.28
N PRO A 474 -31.13 -2.29 17.45
CA PRO A 474 -30.40 -2.03 18.69
C PRO A 474 -29.06 -2.76 18.79
N ASP A 475 -28.99 -4.01 18.33
CA ASP A 475 -27.74 -4.76 18.42
C ASP A 475 -26.69 -4.27 17.43
N GLU A 476 -27.10 -3.58 16.36
CA GLU A 476 -26.14 -2.95 15.47
C GLU A 476 -25.54 -1.71 16.11
N VAL A 477 -26.41 -0.82 16.61
CA VAL A 477 -25.96 0.40 17.27
C VAL A 477 -25.14 0.07 18.50
N ALA A 478 -25.50 -1.01 19.21
CA ALA A 478 -24.77 -1.41 20.41
C ALA A 478 -23.30 -1.67 20.13
N ARG A 479 -22.97 -2.13 18.93
CA ARG A 479 -21.61 -2.49 18.58
C ARG A 479 -20.80 -1.31 18.06
N LEU A 480 -21.33 -0.09 18.13
CA LEU A 480 -20.55 1.08 17.79
C LEU A 480 -19.66 1.57 18.92
N VAL A 481 -19.80 0.99 20.11
CA VAL A 481 -18.94 1.30 21.24
C VAL A 481 -18.37 -0.02 21.77
N SER A 482 -17.25 0.11 22.49
CA SER A 482 -16.57 -1.04 23.07
C SER A 482 -16.89 -1.25 24.54
N GLY A 483 -17.21 -0.19 25.28
CA GLY A 483 -17.38 -0.30 26.71
C GLY A 483 -16.09 -0.39 27.49
N ALA A 484 -14.98 0.08 26.93
CA ALA A 484 -13.67 -0.12 27.54
C ALA A 484 -13.57 0.54 28.92
N GLY A 485 -13.91 1.82 29.00
CA GLY A 485 -13.71 2.55 30.25
C GLY A 485 -14.81 2.35 31.27
N VAL A 486 -15.25 1.10 31.44
CA VAL A 486 -16.38 0.77 32.30
C VAL A 486 -16.00 -0.43 33.16
N THR A 487 -15.91 -0.21 34.47
CA THR A 487 -15.65 -1.32 35.38
C THR A 487 -16.92 -2.14 35.62
N THR B 20 3.59 2.91 40.12
CA THR B 20 4.17 4.17 40.57
C THR B 20 5.10 4.75 39.50
N ARG B 21 5.19 6.09 39.49
CA ARG B 21 6.05 6.84 38.57
C ARG B 21 5.55 6.74 37.13
N SER B 22 5.74 7.80 36.35
CA SER B 22 5.23 7.86 34.99
C SER B 22 6.33 8.35 34.06
N ALA B 23 6.31 7.83 32.83
CA ALA B 23 7.30 8.17 31.82
C ALA B 23 6.60 8.69 30.58
N VAL B 24 7.22 9.67 29.93
CA VAL B 24 6.76 10.19 28.65
C VAL B 24 7.85 9.94 27.62
N VAL B 25 7.47 9.38 26.48
CA VAL B 25 8.39 9.06 25.40
C VAL B 25 8.02 9.89 24.18
N LEU B 26 8.95 10.70 23.71
CA LEU B 26 8.72 11.54 22.54
C LEU B 26 9.18 10.81 21.28
N GLY B 27 8.23 10.49 20.40
CA GLY B 27 8.53 9.77 19.18
C GLY B 27 8.23 8.29 19.28
N GLY B 28 7.42 7.78 18.36
CA GLY B 28 7.00 6.39 18.42
C GLY B 28 7.65 5.49 17.40
N GLY B 29 8.89 5.80 17.04
CA GLY B 29 9.63 5.00 16.08
C GLY B 29 10.24 3.75 16.72
N MET B 30 11.36 3.30 16.15
CA MET B 30 12.03 2.10 16.65
C MET B 30 12.55 2.32 18.06
N ALA B 31 13.24 3.44 18.29
CA ALA B 31 13.79 3.70 19.62
C ALA B 31 12.68 3.93 20.63
N GLY B 32 11.62 4.64 20.23
CA GLY B 32 10.52 4.88 21.14
C GLY B 32 9.84 3.62 21.62
N MET B 33 9.61 2.67 20.70
CA MET B 33 8.93 1.43 21.08
C MET B 33 9.80 0.59 22.01
N LEU B 34 11.06 0.36 21.64
CA LEU B 34 11.95 -0.43 22.48
C LEU B 34 12.13 0.20 23.84
N VAL B 35 12.32 1.52 23.89
CA VAL B 35 12.52 2.18 25.18
C VAL B 35 11.24 2.15 26.01
N SER B 36 10.07 2.14 25.35
CA SER B 36 8.82 2.12 26.09
C SER B 36 8.49 0.73 26.61
N SER B 37 8.75 -0.31 25.81
CA SER B 37 8.65 -1.68 26.28
C SER B 37 9.46 -1.88 27.55
N MET B 38 10.69 -1.37 27.56
CA MET B 38 11.56 -1.52 28.73
C MET B 38 11.04 -0.70 29.90
N LEU B 39 10.70 0.57 29.66
CA LEU B 39 10.30 1.46 30.75
C LEU B 39 9.05 0.97 31.47
N ALA B 40 8.11 0.35 30.74
CA ALA B 40 6.89 -0.12 31.38
C ALA B 40 7.15 -1.20 32.43
N ARG B 41 8.31 -1.84 32.40
CA ARG B 41 8.67 -2.82 33.41
C ARG B 41 9.28 -2.18 34.64
N HIS B 42 9.48 -0.85 34.63
CA HIS B 42 10.01 -0.13 35.78
C HIS B 42 9.12 1.00 36.28
N VAL B 43 8.16 1.46 35.48
CA VAL B 43 7.30 2.58 35.84
C VAL B 43 5.84 2.14 35.68
N GLY B 44 4.94 2.94 36.25
CA GLY B 44 3.53 2.59 36.23
C GLY B 44 2.89 2.77 34.87
N SER B 45 3.24 3.84 34.16
CA SER B 45 2.60 4.11 32.88
C SER B 45 3.57 4.82 31.95
N VAL B 46 3.46 4.52 30.65
CA VAL B 46 4.25 5.12 29.60
C VAL B 46 3.31 5.74 28.57
N THR B 47 3.58 6.98 28.19
CA THR B 47 2.80 7.67 27.17
C THR B 47 3.75 8.10 26.05
N VAL B 48 3.48 7.64 24.83
CA VAL B 48 4.33 7.90 23.67
C VAL B 48 3.67 8.96 22.81
N ILE B 49 4.37 10.06 22.58
CA ILE B 49 3.86 11.19 21.80
C ILE B 49 4.50 11.16 20.43
N ASP B 50 3.68 11.19 19.37
CA ASP B 50 4.18 11.24 18.01
C ASP B 50 3.27 12.13 17.17
N ARG B 51 3.89 12.94 16.31
CA ARG B 51 3.14 13.85 15.46
C ARG B 51 2.66 13.21 14.17
N ASP B 52 3.08 11.97 13.89
CA ASP B 52 2.66 11.27 12.69
C ASP B 52 1.43 10.42 12.96
N ALA B 53 0.76 10.02 11.88
CA ALA B 53 -0.33 9.06 11.95
C ALA B 53 0.20 7.67 11.64
N PHE B 54 -0.34 6.67 12.34
CA PHE B 54 0.19 5.32 12.30
C PHE B 54 -0.77 4.37 11.60
N PRO B 55 -0.33 3.65 10.58
CA PRO B 55 -1.23 2.72 9.88
C PRO B 55 -1.47 1.45 10.68
N ALA B 56 -2.67 0.90 10.51
CA ALA B 56 -3.06 -0.33 11.18
C ALA B 56 -2.36 -1.56 10.62
N GLY B 57 -1.60 -1.41 9.54
CA GLY B 57 -0.87 -2.51 8.95
C GLY B 57 0.56 -2.11 8.62
N PRO B 58 1.31 -3.04 8.03
CA PRO B 58 2.72 -2.78 7.67
C PRO B 58 2.87 -1.89 6.45
N ASP B 59 2.59 -0.60 6.62
CA ASP B 59 2.65 0.36 5.53
C ASP B 59 3.69 1.44 5.83
N LEU B 60 4.17 2.07 4.77
CA LEU B 60 5.07 3.21 4.92
C LEU B 60 4.34 4.37 5.54
N ARG B 61 5.09 5.23 6.22
CA ARG B 61 4.52 6.42 6.83
C ARG B 61 5.54 7.56 6.77
N LYS B 62 5.03 8.79 6.81
CA LYS B 62 5.89 9.95 6.64
C LYS B 62 6.80 10.21 7.84
N GLY B 63 6.45 9.71 9.02
CA GLY B 63 7.32 9.89 10.17
C GLY B 63 8.61 9.10 10.10
N VAL B 64 8.68 8.09 9.23
CA VAL B 64 9.88 7.29 9.02
C VAL B 64 10.16 7.23 7.52
N PRO B 65 10.61 8.30 6.89
CA PRO B 65 10.82 8.26 5.43
C PRO B 65 11.90 7.27 5.00
N GLN B 66 12.84 6.94 5.89
CA GLN B 66 13.92 6.02 5.54
C GLN B 66 13.45 4.60 5.27
N ALA B 67 12.20 4.26 5.63
CA ALA B 67 11.69 2.90 5.46
C ALA B 67 11.66 2.45 4.00
N ARG B 68 11.86 3.34 3.04
CA ARG B 68 11.84 2.97 1.63
C ARG B 68 13.15 2.34 1.15
N HIS B 69 14.16 2.26 2.01
CA HIS B 69 15.45 1.73 1.64
C HIS B 69 15.75 0.45 2.43
N ALA B 70 16.75 -0.28 1.96
CA ALA B 70 17.11 -1.56 2.57
C ALA B 70 17.48 -1.36 4.03
N HIS B 71 16.93 -2.20 4.89
CA HIS B 71 17.22 -2.14 6.32
C HIS B 71 17.68 -3.51 6.80
N ILE B 72 18.91 -3.56 7.32
CA ILE B 72 19.50 -4.78 7.86
C ILE B 72 19.46 -4.69 9.38
N LEU B 73 18.96 -5.74 10.02
CA LEU B 73 18.92 -5.83 11.48
C LEU B 73 19.95 -6.86 11.92
N TRP B 74 21.14 -6.37 12.28
CA TRP B 74 22.24 -7.24 12.68
C TRP B 74 21.89 -8.02 13.94
N SER B 75 22.54 -9.18 14.10
CA SER B 75 22.41 -10.01 15.29
C SER B 75 22.43 -9.22 16.60
N GLY B 76 23.36 -8.26 16.73
CA GLY B 76 23.48 -7.52 17.98
C GLY B 76 22.20 -6.81 18.37
N GLY B 77 21.55 -6.17 17.40
CA GLY B 77 20.27 -5.52 17.66
C GLY B 77 19.13 -6.51 17.71
N ALA B 78 19.20 -7.54 16.86
CA ALA B 78 18.14 -8.54 16.80
C ALA B 78 17.98 -9.24 18.15
N ARG B 79 19.09 -9.60 18.79
CA ARG B 79 19.00 -10.30 20.07
C ARG B 79 18.41 -9.40 21.15
N ILE B 80 18.62 -8.09 21.07
CA ILE B 80 18.06 -7.19 22.07
C ILE B 80 16.57 -7.01 21.86
N VAL B 81 16.13 -6.84 20.61
CA VAL B 81 14.70 -6.80 20.31
C VAL B 81 14.02 -8.06 20.81
N GLU B 82 14.68 -9.21 20.65
CA GLU B 82 14.10 -10.46 21.14
C GLU B 82 13.99 -10.45 22.67
N GLU B 83 14.99 -9.92 23.36
CA GLU B 83 14.94 -9.90 24.82
C GLU B 83 13.81 -8.99 25.31
N LEU B 84 13.74 -7.76 24.78
CA LEU B 84 12.74 -6.80 25.22
C LEU B 84 11.33 -7.20 24.82
N LEU B 85 11.18 -7.80 23.64
CA LEU B 85 9.87 -8.20 23.11
C LEU B 85 9.95 -9.66 22.68
N PRO B 86 9.91 -10.59 23.63
CA PRO B 86 10.05 -12.01 23.29
C PRO B 86 9.00 -12.47 22.29
N GLY B 87 9.45 -13.24 21.30
CA GLY B 87 8.59 -13.72 20.24
C GLY B 87 8.61 -12.90 18.97
N THR B 88 9.27 -11.73 18.99
CA THR B 88 9.26 -10.88 17.81
C THR B 88 9.94 -11.56 16.63
N THR B 89 11.01 -12.29 16.88
CA THR B 89 11.73 -12.96 15.79
C THR B 89 10.82 -13.93 15.04
N ASP B 90 10.14 -14.83 15.77
CA ASP B 90 9.29 -15.81 15.12
C ASP B 90 8.09 -15.18 14.43
N ARG B 91 7.54 -14.10 14.99
CA ARG B 91 6.44 -13.43 14.29
C ARG B 91 6.94 -12.75 13.01
N LEU B 92 8.17 -12.22 13.04
CA LEU B 92 8.76 -11.68 11.83
C LEU B 92 8.95 -12.77 10.78
N LEU B 93 9.60 -13.88 11.17
CA LEU B 93 9.77 -15.00 10.26
C LEU B 93 8.42 -15.53 9.77
N GLY B 94 7.44 -15.65 10.67
CA GLY B 94 6.12 -16.10 10.29
C GLY B 94 5.42 -15.19 9.29
N ALA B 95 5.91 -13.97 9.11
CA ALA B 95 5.33 -13.01 8.19
C ALA B 95 6.13 -12.84 6.90
N GLY B 96 7.22 -13.58 6.74
CA GLY B 96 8.01 -13.53 5.52
C GLY B 96 9.43 -13.02 5.69
N ALA B 97 9.83 -12.55 6.86
CA ALA B 97 11.19 -12.11 7.07
C ALA B 97 12.17 -13.27 6.96
N HIS B 98 13.38 -12.97 6.52
CA HIS B 98 14.44 -13.96 6.35
C HIS B 98 15.48 -13.81 7.46
N ARG B 99 15.89 -14.94 8.03
CA ARG B 99 17.06 -15.00 8.91
C ARG B 99 18.24 -15.49 8.07
N ILE B 100 19.11 -14.56 7.69
CA ILE B 100 20.26 -14.86 6.84
C ILE B 100 21.50 -14.96 7.71
N GLY B 101 22.16 -16.11 7.67
CA GLY B 101 23.38 -16.31 8.43
C GLY B 101 24.57 -15.57 7.82
N ILE B 102 25.49 -15.15 8.68
CA ILE B 102 26.69 -14.43 8.30
C ILE B 102 27.89 -15.23 8.76
N PRO B 103 28.86 -15.56 7.88
CA PRO B 103 28.92 -15.17 6.47
C PRO B 103 28.44 -16.26 5.50
N ASP B 104 27.85 -17.33 6.04
CA ASP B 104 27.46 -18.45 5.19
C ASP B 104 26.34 -18.08 4.23
N GLY B 105 25.56 -17.05 4.53
CA GLY B 105 24.47 -16.65 3.66
C GLY B 105 24.68 -15.32 2.95
N GLN B 106 25.92 -14.87 2.82
CA GLN B 106 26.20 -13.63 2.12
C GLN B 106 27.16 -13.88 0.96
N VAL B 107 26.90 -13.20 -0.14
CA VAL B 107 27.82 -13.12 -1.28
C VAL B 107 28.27 -11.67 -1.34
N SER B 108 29.46 -11.41 -0.81
CA SER B 108 29.91 -10.04 -0.57
C SER B 108 31.27 -9.82 -1.22
N TYR B 109 31.36 -8.77 -2.05
CA TYR B 109 32.61 -8.36 -2.68
C TYR B 109 33.14 -7.20 -1.85
N THR B 110 33.93 -7.53 -0.84
CA THR B 110 34.46 -6.52 0.07
C THR B 110 35.55 -5.72 -0.63
N ALA B 111 36.00 -4.65 0.05
CA ALA B 111 37.11 -3.86 -0.45
C ALA B 111 38.36 -4.69 -0.67
N TYR B 112 38.45 -5.86 -0.04
CA TYR B 112 39.61 -6.74 -0.14
C TYR B 112 39.34 -7.97 -0.99
N GLY B 113 38.19 -8.04 -1.65
CA GLY B 113 37.81 -9.17 -2.47
C GLY B 113 36.62 -9.92 -1.91
N TRP B 114 36.31 -11.04 -2.54
CA TRP B 114 35.15 -11.83 -2.14
C TRP B 114 35.37 -12.46 -0.76
N GLN B 115 34.31 -12.46 0.04
CA GLN B 115 34.34 -13.13 1.34
C GLN B 115 34.04 -14.62 1.15
N HIS B 116 34.96 -15.46 1.61
CA HIS B 116 34.69 -16.90 1.62
C HIS B 116 33.55 -17.20 2.59
N ARG B 117 32.59 -17.99 2.14
CA ARG B 117 31.40 -18.29 2.93
C ARG B 117 31.73 -19.39 3.93
N PHE B 118 32.33 -18.98 5.04
CA PHE B 118 32.55 -19.87 6.17
C PHE B 118 31.22 -20.21 6.83
N PRO B 119 31.19 -21.24 7.68
CA PRO B 119 29.96 -21.54 8.43
C PRO B 119 29.50 -20.35 9.27
N GLU B 120 28.24 -20.40 9.67
CA GLU B 120 27.60 -19.27 10.33
C GLU B 120 28.34 -18.86 11.59
N ALA B 121 28.62 -17.56 11.71
CA ALA B 121 29.14 -16.97 12.94
C ALA B 121 28.15 -16.01 13.59
N GLN B 122 27.46 -15.18 12.81
CA GLN B 122 26.42 -14.31 13.31
C GLN B 122 25.24 -14.40 12.34
N PHE B 123 24.26 -13.52 12.49
CA PHE B 123 23.08 -13.55 11.63
C PHE B 123 22.49 -12.15 11.54
N MET B 124 21.53 -12.01 10.62
CA MET B 124 20.74 -10.79 10.49
C MET B 124 19.33 -11.16 10.09
N ILE B 125 18.39 -10.23 10.31
CA ILE B 125 17.00 -10.38 9.90
C ILE B 125 16.73 -9.43 8.74
N ALA B 126 16.19 -9.98 7.65
CA ALA B 126 15.98 -9.22 6.42
C ALA B 126 14.48 -9.08 6.16
N CYS B 127 13.99 -7.85 6.22
CA CYS B 127 12.57 -7.57 6.03
C CYS B 127 12.42 -6.10 5.70
N SER B 128 11.27 -5.74 5.11
CA SER B 128 10.92 -4.35 4.98
C SER B 128 10.93 -3.65 6.34
N ARG B 129 11.39 -2.40 6.36
CA ARG B 129 11.30 -1.63 7.59
C ARG B 129 9.86 -1.41 8.00
N ALA B 130 8.95 -1.32 7.03
CA ALA B 130 7.53 -1.16 7.35
C ALA B 130 7.00 -2.34 8.16
N LEU B 131 7.32 -3.57 7.72
CA LEU B 131 6.91 -4.75 8.49
C LEU B 131 7.59 -4.77 9.85
N LEU B 132 8.86 -4.39 9.91
CA LEU B 132 9.58 -4.41 11.18
C LEU B 132 8.95 -3.46 12.19
N ASP B 133 8.76 -2.19 11.80
CA ASP B 133 8.16 -1.20 12.69
C ASP B 133 6.77 -1.64 13.13
N TRP B 134 5.95 -2.13 12.20
CA TRP B 134 4.60 -2.55 12.56
C TRP B 134 4.61 -3.72 13.54
N THR B 135 5.46 -4.72 13.31
CA THR B 135 5.50 -5.86 14.22
C THR B 135 6.10 -5.48 15.57
N VAL B 136 7.03 -4.51 15.59
CA VAL B 136 7.58 -4.05 16.85
C VAL B 136 6.55 -3.22 17.60
N ARG B 137 5.83 -2.35 16.87
CA ARG B 137 4.79 -1.54 17.50
C ARG B 137 3.71 -2.41 18.11
N GLU B 138 3.17 -3.36 17.32
CA GLU B 138 2.12 -4.24 17.80
C GLU B 138 2.53 -4.98 19.07
N GLU B 139 3.74 -5.55 19.06
CA GLU B 139 4.22 -6.28 20.23
C GLU B 139 4.43 -5.37 21.43
N THR B 140 4.85 -4.12 21.19
CA THR B 140 5.05 -3.19 22.29
C THR B 140 3.73 -2.75 22.90
N LEU B 141 2.74 -2.46 22.06
CA LEU B 141 1.47 -1.91 22.52
C LEU B 141 0.54 -2.96 23.10
N ARG B 142 0.93 -4.23 23.11
CA ARG B 142 0.19 -5.25 23.85
C ARG B 142 0.12 -4.90 25.34
N GLU B 143 1.16 -4.28 25.86
CA GLU B 143 1.16 -3.79 27.25
C GLU B 143 0.18 -2.63 27.37
N GLU B 144 -0.96 -2.88 28.01
CA GLU B 144 -2.02 -1.87 28.10
C GLU B 144 -1.55 -0.60 28.80
N ARG B 145 -0.53 -0.70 29.65
CA ARG B 145 -0.05 0.48 30.37
C ARG B 145 0.76 1.42 29.49
N ILE B 146 1.13 0.99 28.28
CA ILE B 146 1.73 1.87 27.29
C ILE B 146 0.62 2.37 26.36
N ALA B 147 0.62 3.66 26.08
CA ALA B 147 -0.40 4.27 25.23
C ALA B 147 0.27 5.18 24.22
N LEU B 148 -0.02 4.94 22.94
CA LEU B 148 0.50 5.75 21.85
C LEU B 148 -0.51 6.86 21.52
N VAL B 149 -0.05 8.11 21.58
CA VAL B 149 -0.88 9.27 21.30
C VAL B 149 -0.41 9.83 19.96
N GLU B 150 -1.15 9.54 18.89
CA GLU B 150 -0.75 9.93 17.55
C GLU B 150 -1.17 11.37 17.25
N LYS B 151 -0.59 11.92 16.19
CA LYS B 151 -0.97 13.23 15.65
C LYS B 151 -0.99 14.29 16.74
N THR B 152 0.09 14.34 17.51
CA THR B 152 0.23 15.29 18.61
C THR B 152 1.60 15.94 18.53
N GLU B 153 1.62 17.27 18.46
CA GLU B 153 2.88 18.00 18.40
C GLU B 153 3.42 18.25 19.80
N VAL B 154 4.74 18.15 19.95
CA VAL B 154 5.42 18.43 21.20
C VAL B 154 5.82 19.90 21.20
N LEU B 155 5.32 20.66 22.18
CA LEU B 155 5.54 22.10 22.19
C LEU B 155 6.76 22.50 23.03
N ALA B 156 6.92 21.90 24.21
CA ALA B 156 8.00 22.31 25.10
C ALA B 156 8.12 21.29 26.22
N LEU B 157 9.32 21.24 26.81
CA LEU B 157 9.53 20.48 28.04
C LEU B 157 9.06 21.30 29.23
N LEU B 158 8.36 20.64 30.15
CA LEU B 158 7.93 21.31 31.36
C LEU B 158 9.03 21.27 32.42
N GLY B 159 9.00 22.25 33.31
CA GLY B 159 10.04 22.37 34.32
C GLY B 159 11.09 23.40 33.95
N ASP B 160 12.36 23.10 34.20
CA ASP B 160 13.44 24.04 33.93
C ASP B 160 14.72 23.24 33.68
N ALA B 161 15.83 23.96 33.56
CA ALA B 161 17.14 23.32 33.36
C ALA B 161 17.53 22.42 34.53
N GLY B 162 16.90 22.59 35.68
CA GLY B 162 17.20 21.75 36.83
C GLY B 162 16.48 20.41 36.80
N ARG B 163 15.21 20.42 36.39
CA ARG B 163 14.42 19.19 36.35
C ARG B 163 13.29 19.33 35.33
N VAL B 164 13.20 18.36 34.43
CA VAL B 164 12.08 18.26 33.49
C VAL B 164 10.95 17.51 34.16
N THR B 165 9.72 18.00 34.00
CA THR B 165 8.58 17.45 34.72
C THR B 165 7.44 17.05 33.77
N GLY B 166 7.73 16.87 32.48
CA GLY B 166 6.73 16.52 31.51
C GLY B 166 6.89 17.36 30.27
N VAL B 167 5.86 17.36 29.43
CA VAL B 167 5.90 18.05 28.14
C VAL B 167 4.54 18.67 27.86
N ARG B 168 4.57 19.88 27.30
CA ARG B 168 3.37 20.53 26.77
C ARG B 168 3.18 20.11 25.32
N VAL B 169 1.98 19.63 24.99
CA VAL B 169 1.69 19.09 23.68
C VAL B 169 0.44 19.75 23.12
N ARG B 170 0.22 19.56 21.82
CA ARG B 170 -0.96 20.07 21.14
C ARG B 170 -1.56 18.98 20.27
N ASP B 171 -2.85 18.72 20.46
CA ASP B 171 -3.57 17.79 19.61
C ASP B 171 -3.80 18.41 18.24
N GLN B 172 -3.41 17.70 17.18
CA GLN B 172 -3.49 18.27 15.84
C GLN B 172 -4.94 18.48 15.40
N GLU B 173 -5.80 17.50 15.64
CA GLU B 173 -7.20 17.62 15.21
C GLU B 173 -7.90 18.77 15.91
N SER B 174 -8.03 18.68 17.23
CA SER B 174 -8.78 19.68 17.98
C SER B 174 -8.02 21.00 18.11
N GLY B 175 -6.69 20.95 18.12
CA GLY B 175 -5.90 22.13 18.40
C GLY B 175 -5.71 22.43 19.86
N GLU B 176 -6.24 21.59 20.75
CA GLU B 176 -6.14 21.82 22.18
C GLU B 176 -4.73 21.50 22.67
N GLU B 177 -4.23 22.33 23.59
CA GLU B 177 -2.95 22.10 24.22
C GLU B 177 -3.17 21.60 25.64
N ARG B 178 -2.40 20.59 26.04
CA ARG B 178 -2.50 20.03 27.37
C ARG B 178 -1.13 19.57 27.83
N GLU B 179 -0.94 19.57 29.15
CA GLU B 179 0.31 19.12 29.74
C GLU B 179 0.20 17.65 30.15
N VAL B 180 1.28 16.91 29.95
CA VAL B 180 1.34 15.51 30.33
C VAL B 180 2.46 15.35 31.34
N PRO B 181 2.15 15.01 32.59
CA PRO B 181 3.20 14.93 33.61
C PRO B 181 4.06 13.69 33.42
N ALA B 182 5.28 13.78 33.96
CA ALA B 182 6.24 12.70 33.81
C ALA B 182 7.35 12.86 34.83
N ASP B 183 7.81 11.73 35.38
CA ASP B 183 9.03 11.69 36.16
C ASP B 183 10.26 11.48 35.29
N LEU B 184 10.07 11.04 34.05
CA LEU B 184 11.18 10.79 33.12
C LEU B 184 10.68 11.03 31.71
N VAL B 185 11.35 11.93 31.00
CA VAL B 185 11.06 12.22 29.60
C VAL B 185 12.22 11.70 28.77
N VAL B 186 11.90 10.92 27.73
CA VAL B 186 12.89 10.34 26.83
C VAL B 186 12.59 10.81 25.43
N ASP B 187 13.53 11.53 24.82
CA ASP B 187 13.37 12.03 23.46
C ASP B 187 13.92 11.00 22.49
N THR B 188 13.03 10.45 21.65
CA THR B 188 13.40 9.52 20.59
C THR B 188 12.78 9.95 19.28
N THR B 189 12.78 11.27 19.01
CA THR B 189 12.16 11.81 17.82
C THR B 189 13.02 11.64 16.56
N GLY B 190 14.11 10.88 16.65
CA GLY B 190 14.86 10.52 15.46
C GLY B 190 15.84 11.57 15.01
N ARG B 191 16.25 11.45 13.75
CA ARG B 191 17.30 12.31 13.21
C ARG B 191 16.86 13.77 13.14
N GLY B 192 15.60 14.01 12.77
CA GLY B 192 15.08 15.35 12.74
C GLY B 192 14.57 15.80 14.09
N SER B 193 15.28 15.41 15.15
CA SER B 193 14.81 15.67 16.51
C SER B 193 14.80 17.17 16.77
N PRO B 194 13.76 17.69 17.41
CA PRO B 194 13.74 19.11 17.78
C PRO B 194 14.31 19.34 19.17
N SER B 195 15.16 18.42 19.65
CA SER B 195 15.69 18.53 21.00
C SER B 195 16.50 19.80 21.18
N LYS B 196 17.28 20.18 20.17
CA LYS B 196 18.06 21.41 20.24
C LYS B 196 17.17 22.60 20.56
N ARG B 197 16.07 22.75 19.81
CA ARG B 197 15.08 23.77 20.13
C ARG B 197 14.53 23.57 21.53
N LEU B 198 14.13 22.34 21.85
CA LEU B 198 13.51 22.06 23.14
C LEU B 198 14.41 22.43 24.32
N LEU B 199 15.71 22.09 24.34
CA LEU B 199 16.48 22.45 25.57
C LEU B 199 16.91 23.89 25.54
N ALA B 200 16.96 24.43 24.36
CA ALA B 200 17.27 25.83 24.24
C ALA B 200 16.20 26.66 24.90
N GLU B 201 14.95 26.26 24.69
CA GLU B 201 13.85 26.90 25.41
C GLU B 201 13.89 26.53 26.88
N LEU B 202 14.47 25.40 27.24
CA LEU B 202 14.63 25.04 28.65
C LEU B 202 15.63 25.96 29.35
N GLY B 203 16.65 26.42 28.64
CA GLY B 203 17.72 27.17 29.25
C GLY B 203 19.02 26.40 29.38
N LEU B 204 19.24 25.38 28.56
CA LEU B 204 20.44 24.56 28.58
C LEU B 204 21.47 25.08 27.57
N PRO B 205 22.75 24.89 27.83
CA PRO B 205 23.77 25.28 26.85
C PRO B 205 23.72 24.39 25.61
N ALA B 206 24.24 24.93 24.52
CA ALA B 206 24.28 24.19 23.26
C ALA B 206 25.29 23.06 23.33
N PRO B 207 24.96 21.86 22.89
CA PRO B 207 25.92 20.76 22.91
C PRO B 207 26.87 20.84 21.73
N GLU B 208 28.07 20.28 21.92
CA GLU B 208 28.97 20.12 20.80
C GLU B 208 28.35 19.16 19.79
N GLU B 209 28.29 19.58 18.54
CA GLU B 209 27.78 18.74 17.47
C GLU B 209 28.96 18.26 16.63
N GLU B 210 29.12 16.95 16.55
CA GLU B 210 30.16 16.31 15.77
C GLU B 210 29.55 15.68 14.54
N PHE B 211 30.15 15.90 13.37
CA PHE B 211 29.67 15.25 12.16
C PHE B 211 30.82 14.87 11.25
N VAL B 212 30.55 13.88 10.40
CA VAL B 212 31.42 13.44 9.32
C VAL B 212 30.53 13.25 8.10
N ASP B 213 30.70 14.10 7.09
CA ASP B 213 29.80 14.15 5.93
C ASP B 213 30.55 13.68 4.69
N SER B 214 30.35 12.41 4.33
CA SER B 214 30.88 11.88 3.08
C SER B 214 30.05 12.29 1.87
N GLY B 215 28.87 12.87 2.09
CA GLY B 215 28.01 13.23 0.98
C GLY B 215 27.30 12.08 0.32
N MET B 216 27.16 10.95 1.02
CA MET B 216 26.51 9.78 0.44
C MET B 216 25.06 10.08 0.10
N VAL B 217 24.55 9.39 -0.91
CA VAL B 217 23.14 9.45 -1.29
C VAL B 217 22.68 8.04 -1.63
N TYR B 218 21.44 7.74 -1.30
CA TYR B 218 20.86 6.42 -1.54
C TYR B 218 19.95 6.45 -2.76
N ALA B 219 19.79 5.29 -3.37
CA ALA B 219 18.82 5.09 -4.46
C ALA B 219 18.34 3.66 -4.38
N THR B 220 17.02 3.48 -4.34
CA THR B 220 16.42 2.18 -4.06
C THR B 220 15.28 1.88 -5.02
N ARG B 221 15.19 0.63 -5.43
CA ARG B 221 14.06 0.11 -6.19
C ARG B 221 13.65 -1.24 -5.63
N LEU B 222 12.37 -1.55 -5.74
CA LEU B 222 11.85 -2.85 -5.37
C LEU B 222 11.72 -3.74 -6.61
N PHE B 223 11.93 -5.04 -6.41
CA PHE B 223 11.85 -6.03 -7.47
C PHE B 223 11.11 -7.25 -6.93
N ARG B 224 10.44 -7.96 -7.84
CA ARG B 224 9.91 -9.27 -7.51
C ARG B 224 10.91 -10.33 -7.97
N ALA B 225 11.42 -11.11 -7.03
CA ALA B 225 12.43 -12.11 -7.33
C ALA B 225 11.84 -13.22 -8.19
N PRO B 226 12.68 -13.95 -8.93
CA PRO B 226 12.21 -15.20 -9.55
C PRO B 226 11.55 -16.09 -8.51
N GLU B 227 10.47 -16.77 -8.92
CA GLU B 227 9.60 -17.44 -7.96
C GLU B 227 10.37 -18.46 -7.12
N ALA B 228 11.25 -19.24 -7.75
CA ALA B 228 12.01 -20.24 -7.02
C ALA B 228 13.04 -19.62 -6.08
N ALA B 229 13.39 -18.35 -6.27
CA ALA B 229 14.35 -17.66 -5.42
C ALA B 229 13.70 -16.87 -4.29
N ALA B 230 12.39 -17.04 -4.08
CA ALA B 230 11.67 -16.27 -3.07
C ALA B 230 12.16 -16.56 -1.65
N THR B 231 12.67 -17.76 -1.41
CA THR B 231 13.19 -18.15 -0.11
C THR B 231 14.62 -18.66 -0.27
N ASN B 232 15.35 -18.66 0.85
CA ASN B 232 16.71 -19.20 0.91
C ASN B 232 17.64 -18.51 -0.07
N PHE B 233 17.40 -17.23 -0.35
CA PHE B 233 18.37 -16.56 -1.21
C PHE B 233 19.36 -15.75 -0.36
N PRO B 234 20.62 -15.68 -0.75
CA PRO B 234 21.61 -15.00 0.09
C PRO B 234 21.48 -13.48 0.01
N LEU B 235 22.05 -12.83 1.03
CA LEU B 235 22.29 -11.40 0.95
C LEU B 235 23.47 -11.13 0.03
N VAL B 236 23.32 -10.17 -0.87
CA VAL B 236 24.32 -9.89 -1.90
C VAL B 236 24.71 -8.43 -1.82
N SER B 237 26.01 -8.17 -1.71
CA SER B 237 26.52 -6.81 -1.61
C SER B 237 27.83 -6.68 -2.35
N VAL B 238 28.03 -5.50 -2.94
CA VAL B 238 29.27 -5.13 -3.60
C VAL B 238 29.71 -3.79 -3.05
N HIS B 239 30.87 -3.77 -2.39
CA HIS B 239 31.31 -2.62 -1.63
C HIS B 239 32.38 -1.83 -2.36
N ALA B 240 32.48 -0.55 -2.03
CA ALA B 240 33.55 0.29 -2.53
C ALA B 240 34.86 -0.05 -1.84
N ASP B 241 35.96 0.36 -2.47
CA ASP B 241 37.29 0.23 -1.88
C ASP B 241 37.63 1.55 -1.21
N HIS B 242 37.41 1.61 0.10
CA HIS B 242 37.69 2.82 0.86
C HIS B 242 39.17 3.21 0.79
N ARG B 243 40.08 2.27 0.48
CA ARG B 243 41.48 2.62 0.37
C ARG B 243 41.76 3.45 -0.87
N ALA B 244 41.06 3.17 -1.97
CA ALA B 244 41.26 3.91 -3.20
C ALA B 244 40.70 5.32 -3.09
N GLY B 245 41.50 6.31 -3.47
CA GLY B 245 41.08 7.69 -3.41
C GLY B 245 40.10 8.05 -4.50
N ARG B 246 38.92 7.42 -4.46
CA ARG B 246 37.87 7.57 -5.45
C ARG B 246 36.53 7.56 -4.73
N PRO B 247 35.52 8.24 -5.28
CA PRO B 247 34.18 8.19 -4.68
C PRO B 247 33.75 6.75 -4.40
N GLY B 248 33.15 6.54 -3.24
CA GLY B 248 32.75 5.21 -2.82
C GLY B 248 31.35 4.81 -3.25
N CYS B 249 31.25 3.80 -4.12
CA CYS B 249 29.98 3.33 -4.66
C CYS B 249 29.70 1.92 -4.16
N ASN B 250 28.47 1.70 -3.68
CA ASN B 250 28.06 0.40 -3.16
C ASN B 250 26.73 -0.02 -3.77
N ALA B 251 26.43 -1.31 -3.65
CA ALA B 251 25.17 -1.87 -4.14
C ALA B 251 24.83 -3.08 -3.28
N VAL B 252 23.60 -3.14 -2.80
CA VAL B 252 23.15 -4.22 -1.92
C VAL B 252 21.79 -4.72 -2.38
N LEU B 253 21.65 -6.03 -2.40
CA LEU B 253 20.40 -6.71 -2.76
C LEU B 253 20.00 -7.58 -1.58
N MET B 254 18.79 -7.35 -1.06
CA MET B 254 18.36 -8.04 0.14
C MET B 254 16.97 -8.62 -0.05
N PRO B 255 16.75 -9.87 0.31
CA PRO B 255 15.38 -10.42 0.28
C PRO B 255 14.53 -9.80 1.38
N ILE B 256 13.25 -9.66 1.09
CA ILE B 256 12.25 -9.23 2.06
C ILE B 256 11.05 -10.15 1.94
N GLU B 257 10.02 -9.85 2.73
CA GLU B 257 8.81 -10.66 2.75
C GLU B 257 8.07 -10.58 1.41
N ASP B 258 7.29 -11.63 1.15
CA ASP B 258 6.42 -11.72 -0.03
C ASP B 258 7.23 -11.88 -1.33
N GLY B 259 8.33 -12.62 -1.25
CA GLY B 259 9.09 -12.96 -2.45
C GLY B 259 9.62 -11.77 -3.22
N ARG B 260 9.99 -10.70 -2.53
CA ARG B 260 10.54 -9.51 -3.17
C ARG B 260 12.01 -9.35 -2.81
N TRP B 261 12.68 -8.48 -3.56
CA TRP B 261 14.04 -8.06 -3.30
C TRP B 261 14.06 -6.55 -3.18
N ILE B 262 14.67 -6.04 -2.10
CA ILE B 262 14.97 -4.62 -2.01
C ILE B 262 16.42 -4.43 -2.39
N VAL B 263 16.66 -3.46 -3.28
CA VAL B 263 17.97 -3.24 -3.87
C VAL B 263 18.31 -1.77 -3.68
N THR B 264 19.43 -1.52 -3.01
CA THR B 264 19.87 -0.16 -2.71
C THR B 264 21.28 0.05 -3.26
N VAL B 265 21.45 1.13 -4.02
CA VAL B 265 22.75 1.55 -4.52
C VAL B 265 23.05 2.92 -3.94
N SER B 266 24.33 3.18 -3.69
CA SER B 266 24.75 4.36 -2.96
C SER B 266 26.08 4.86 -3.50
N GLY B 267 26.34 6.15 -3.28
CA GLY B 267 27.54 6.77 -3.76
C GLY B 267 27.91 8.04 -3.04
N THR B 268 29.17 8.20 -2.69
CA THR B 268 29.61 9.38 -1.96
C THR B 268 29.68 10.58 -2.89
N ARG B 269 30.17 11.70 -2.35
CA ARG B 269 30.24 12.96 -3.09
C ARG B 269 31.05 12.79 -4.39
N GLY B 270 30.38 12.99 -5.52
CA GLY B 270 30.99 12.85 -6.82
C GLY B 270 30.71 11.54 -7.52
N GLY B 271 30.13 10.56 -6.83
CA GLY B 271 29.79 9.28 -7.41
C GLY B 271 28.36 8.90 -7.09
N GLU B 272 27.50 9.92 -7.03
CA GLU B 272 26.13 9.71 -6.59
C GLU B 272 25.31 9.02 -7.67
N PRO B 273 24.48 8.04 -7.29
CA PRO B 273 23.63 7.36 -8.28
C PRO B 273 22.58 8.31 -8.85
N PRO B 274 22.08 8.02 -10.04
CA PRO B 274 21.10 8.91 -10.68
C PRO B 274 19.69 8.68 -10.14
N ALA B 275 18.77 9.51 -10.60
CA ALA B 275 17.38 9.46 -10.18
C ALA B 275 16.48 8.69 -11.13
N ASP B 276 16.96 8.34 -12.33
CA ASP B 276 16.15 7.70 -13.34
C ASP B 276 16.31 6.18 -13.30
N ASP B 277 15.24 5.49 -13.69
CA ASP B 277 15.22 4.03 -13.65
C ASP B 277 16.29 3.44 -14.55
N GLU B 278 16.50 4.03 -15.73
CA GLU B 278 17.50 3.53 -16.65
C GLU B 278 18.90 3.56 -16.03
N GLY B 279 19.23 4.68 -15.38
CA GLY B 279 20.53 4.79 -14.73
C GLY B 279 20.72 3.92 -13.52
N PHE B 280 19.62 3.44 -12.92
CA PHE B 280 19.73 2.57 -11.75
C PHE B 280 20.44 1.28 -12.10
N ALA B 281 19.95 0.56 -13.12
CA ALA B 281 20.56 -0.70 -13.51
C ALA B 281 21.99 -0.51 -14.00
N ARG B 282 22.28 0.62 -14.65
CA ARG B 282 23.64 0.89 -15.11
C ARG B 282 24.58 1.11 -13.94
N PHE B 283 24.15 1.89 -12.95
CA PHE B 283 24.96 2.09 -11.75
C PHE B 283 25.21 0.77 -11.05
N ALA B 284 24.19 -0.09 -10.95
CA ALA B 284 24.36 -1.40 -10.35
C ALA B 284 25.29 -2.28 -11.18
N ARG B 285 25.34 -2.07 -12.49
CA ARG B 285 26.26 -2.81 -13.35
C ARG B 285 27.64 -2.14 -13.39
N ASP B 286 27.69 -0.89 -13.84
CA ASP B 286 28.93 -0.21 -14.17
C ASP B 286 29.43 0.72 -13.07
N GLY B 287 28.55 1.21 -12.19
CA GLY B 287 28.98 2.16 -11.19
C GLY B 287 29.74 1.56 -10.03
N VAL B 288 29.59 0.26 -9.79
CA VAL B 288 30.25 -0.42 -8.67
C VAL B 288 31.40 -1.28 -9.21
N ARG B 289 32.21 -1.80 -8.28
CA ARG B 289 33.43 -2.52 -8.65
C ARG B 289 33.16 -3.91 -9.21
N HIS B 290 31.91 -4.39 -9.19
CA HIS B 290 31.57 -5.69 -9.73
C HIS B 290 30.09 -5.70 -10.06
N PRO B 291 29.68 -6.25 -11.21
CA PRO B 291 28.29 -6.09 -11.66
C PRO B 291 27.31 -7.14 -11.17
N LEU B 292 27.67 -7.91 -10.14
CA LEU B 292 26.82 -9.03 -9.70
C LEU B 292 25.39 -8.60 -9.44
N VAL B 293 25.20 -7.57 -8.61
CA VAL B 293 23.85 -7.11 -8.28
C VAL B 293 23.11 -6.69 -9.55
N GLY B 294 23.81 -6.04 -10.48
CA GLY B 294 23.20 -5.70 -11.74
C GLY B 294 22.78 -6.91 -12.54
N GLU B 295 23.57 -7.99 -12.46
CA GLU B 295 23.20 -9.21 -13.17
C GLU B 295 21.98 -9.88 -12.54
N LEU B 296 21.83 -9.77 -11.21
CA LEU B 296 20.73 -10.44 -10.53
C LEU B 296 19.41 -9.71 -10.75
N ILE B 297 19.41 -8.38 -10.70
CA ILE B 297 18.16 -7.64 -10.85
C ILE B 297 17.62 -7.75 -12.26
N ALA B 298 18.46 -8.10 -13.23
CA ALA B 298 18.01 -8.31 -14.60
C ALA B 298 17.33 -9.67 -14.75
N ALA B 300 14.77 -10.17 -12.80
CA ALA B 300 13.65 -9.91 -11.90
C ALA B 300 12.78 -8.80 -12.45
N GLN B 301 11.59 -8.63 -11.87
CA GLN B 301 10.64 -7.66 -12.37
C GLN B 301 10.61 -6.44 -11.47
N PRO B 302 10.86 -5.24 -12.00
CA PRO B 302 10.80 -4.04 -11.15
C PRO B 302 9.38 -3.76 -10.70
N LEU B 303 9.25 -3.31 -9.44
CA LEU B 303 7.95 -2.98 -8.86
C LEU B 303 7.78 -1.50 -8.53
N THR B 304 8.86 -0.77 -8.29
CA THR B 304 8.81 0.65 -8.00
C THR B 304 9.90 1.35 -8.81
N SER B 305 9.80 2.67 -8.89
CA SER B 305 10.83 3.49 -9.50
C SER B 305 11.72 4.09 -8.40
N VAL B 306 12.80 4.74 -8.84
CA VAL B 306 13.90 5.08 -7.94
C VAL B 306 13.44 6.06 -6.87
N GLU B 307 13.78 5.74 -5.62
CA GLU B 307 13.62 6.64 -4.48
C GLU B 307 14.99 6.98 -3.93
N ARG B 308 15.28 8.26 -3.79
CA ARG B 308 16.59 8.70 -3.32
C ARG B 308 16.51 9.24 -1.90
N SER B 309 17.68 9.33 -1.27
CA SER B 309 17.75 9.83 0.09
C SER B 309 19.13 10.43 0.34
N ARG B 310 19.13 11.56 1.05
CA ARG B 310 20.36 12.27 1.40
C ARG B 310 20.68 12.17 2.89
N SER B 311 19.80 11.54 3.68
CA SER B 311 19.99 11.47 5.12
C SER B 311 21.09 10.46 5.43
N THR B 312 22.33 10.86 5.18
CA THR B 312 23.50 10.00 5.27
C THR B 312 24.56 10.47 6.26
N VAL B 313 24.47 11.71 6.74
CA VAL B 313 25.52 12.28 7.56
C VAL B 313 25.58 11.56 8.90
N ASN B 314 26.79 11.20 9.33
CA ASN B 314 27.03 10.79 10.71
C ASN B 314 26.98 12.03 11.60
N ARG B 315 25.94 12.14 12.43
CA ARG B 315 25.80 13.28 13.32
C ARG B 315 25.67 12.80 14.75
N ARG B 316 26.40 13.45 15.66
CA ARG B 316 26.39 13.09 17.07
C ARG B 316 26.33 14.37 17.92
N LEU B 317 25.48 14.35 18.94
CA LEU B 317 25.32 15.47 19.86
C LEU B 317 25.81 15.05 21.25
N HIS B 318 26.80 15.76 21.78
CA HIS B 318 27.43 15.38 23.04
C HIS B 318 26.68 15.97 24.24
N TYR B 319 25.43 15.50 24.39
CA TYR B 319 24.60 15.92 25.52
C TYR B 319 25.24 15.54 26.85
N ASP B 320 25.92 14.39 26.89
CA ASP B 320 26.50 13.90 28.14
C ASP B 320 27.62 14.79 28.66
N ARG B 321 28.21 15.62 27.81
CA ARG B 321 29.31 16.49 28.20
C ARG B 321 28.86 17.92 28.48
N LEU B 322 27.56 18.17 28.56
CA LEU B 322 27.06 19.51 28.85
C LEU B 322 27.40 19.92 30.28
N ALA B 323 27.58 21.22 30.50
CA ALA B 323 27.86 21.71 31.84
C ALA B 323 26.72 21.42 32.81
N THR B 324 25.47 21.64 32.36
CA THR B 324 24.31 21.33 33.17
C THR B 324 23.37 20.43 32.39
N TRP B 325 22.71 19.53 33.11
CA TRP B 325 21.79 18.58 32.51
C TRP B 325 20.63 18.41 33.49
N PRO B 326 19.39 18.45 33.03
CA PRO B 326 18.25 18.37 33.94
C PRO B 326 17.98 16.94 34.38
N GLU B 327 17.49 16.81 35.61
CA GLU B 327 17.00 15.52 36.07
C GLU B 327 15.75 15.14 35.31
N GLY B 328 15.58 13.84 35.08
CA GLY B 328 14.39 13.33 34.42
C GLY B 328 14.32 13.61 32.93
N LEU B 329 15.46 13.67 32.25
CA LEU B 329 15.49 13.87 30.80
C LEU B 329 16.62 13.05 30.20
N VAL B 330 16.30 12.28 29.17
CA VAL B 330 17.27 11.43 28.48
C VAL B 330 16.98 11.52 26.98
N VAL B 331 18.05 11.51 26.18
CA VAL B 331 17.94 11.53 24.72
C VAL B 331 18.68 10.31 24.18
N LEU B 332 18.02 9.56 23.30
CA LEU B 332 18.66 8.39 22.71
C LEU B 332 18.07 8.12 21.34
N GLY B 333 18.68 7.19 20.62
CA GLY B 333 18.32 6.93 19.26
C GLY B 333 19.03 7.89 18.31
N ASP B 334 18.43 8.05 17.14
CA ASP B 334 18.96 8.98 16.14
C ASP B 334 19.02 10.41 16.65
N ALA B 335 18.25 10.74 17.69
CA ALA B 335 18.27 12.09 18.24
C ALA B 335 19.60 12.44 18.89
N VAL B 336 20.36 11.45 19.36
CA VAL B 336 21.67 11.69 19.94
C VAL B 336 22.82 11.27 19.02
N ALA B 337 22.65 10.22 18.22
CA ALA B 337 23.71 9.77 17.33
C ALA B 337 23.10 9.09 16.12
N ALA B 338 23.30 9.69 14.94
CA ALA B 338 22.88 9.12 13.67
C ALA B 338 24.10 8.81 12.82
N PHE B 339 23.95 7.82 11.92
CA PHE B 339 25.09 7.27 11.20
C PHE B 339 24.80 7.18 9.71
N ASN B 340 25.86 7.10 8.93
CA ASN B 340 25.78 6.74 7.53
C ASN B 340 25.18 5.34 7.42
N PRO B 341 24.03 5.20 6.76
CA PRO B 341 23.30 3.91 6.82
C PRO B 341 23.97 2.76 6.07
N VAL B 342 24.99 3.01 5.25
CA VAL B 342 25.59 1.94 4.46
C VAL B 342 26.20 0.86 5.35
N TYR B 343 26.42 1.15 6.63
CA TYR B 343 26.92 0.15 7.55
C TYR B 343 25.81 -0.58 8.30
N GLY B 344 24.61 0.00 8.35
CA GLY B 344 23.44 -0.66 8.88
C GLY B 344 23.43 -0.89 10.37
N HIS B 345 23.88 0.10 11.16
CA HIS B 345 23.98 -0.05 12.61
C HIS B 345 22.90 0.68 13.39
N GLY B 346 22.20 1.63 12.78
CA GLY B 346 21.27 2.51 13.46
C GLY B 346 20.32 1.88 14.45
N MET B 347 19.56 0.86 14.01
CA MET B 347 18.58 0.25 14.89
C MET B 347 19.25 -0.49 16.05
N SER B 348 20.37 -1.17 15.78
CA SER B 348 21.07 -1.87 16.85
C SER B 348 21.73 -0.92 17.83
N ALA B 349 22.14 0.26 17.35
CA ALA B 349 22.67 1.27 18.25
C ALA B 349 21.58 1.79 19.19
N ALA B 350 20.37 1.98 18.66
CA ALA B 350 19.24 2.36 19.50
C ALA B 350 18.92 1.26 20.51
N ALA B 351 18.95 0.00 20.07
CA ALA B 351 18.71 -1.11 21.00
C ALA B 351 19.72 -1.13 22.12
N HIS B 352 21.01 -1.00 21.79
CA HIS B 352 22.07 -1.02 22.81
C HIS B 352 21.88 0.11 23.82
N SER B 353 21.39 1.26 23.36
CA SER B 353 21.26 2.40 24.26
C SER B 353 20.03 2.29 25.14
N VAL B 354 19.03 1.49 24.74
CA VAL B 354 17.92 1.20 25.62
C VAL B 354 18.39 0.33 26.78
N LEU B 355 19.27 -0.63 26.50
CA LEU B 355 19.81 -1.45 27.57
C LEU B 355 20.72 -0.65 28.50
N ALA B 356 21.36 0.40 27.98
CA ALA B 356 22.16 1.28 28.83
C ALA B 356 21.29 2.06 29.81
N LEU B 357 20.17 2.61 29.32
CA LEU B 357 19.22 3.26 30.21
C LEU B 357 18.70 2.29 31.26
N ARG B 358 18.31 1.09 30.83
CA ARG B 358 17.83 0.08 31.78
C ARG B 358 18.84 -0.21 32.87
N SER B 359 20.13 -0.30 32.51
CA SER B 359 21.15 -0.67 33.50
C SER B 359 21.33 0.44 34.52
N GLN B 360 21.27 1.70 34.07
CA GLN B 360 21.33 2.81 35.02
C GLN B 360 20.08 2.88 35.86
N LEU B 361 18.92 2.53 35.29
CA LEU B 361 17.67 2.50 36.05
C LEU B 361 17.76 1.52 37.20
N GLY B 362 18.27 0.31 36.93
CA GLY B 362 18.42 -0.69 37.98
C GLY B 362 19.46 -0.35 39.01
N GLN B 363 20.43 0.51 38.66
CA GLN B 363 21.49 0.88 39.59
C GLN B 363 21.09 2.05 40.48
N ARG B 364 20.40 3.04 39.95
CA ARG B 364 20.11 4.28 40.66
C ARG B 364 18.63 4.53 40.91
N ALA B 365 17.74 3.68 40.38
CA ALA B 365 16.29 3.92 40.46
C ALA B 365 16.04 5.31 39.88
N PHE B 366 15.32 6.19 40.57
CA PHE B 366 15.01 7.52 40.06
C PHE B 366 15.64 8.62 40.91
N GLN B 367 16.79 8.35 41.52
CA GLN B 367 17.45 9.36 42.33
C GLN B 367 18.05 10.45 41.45
N PRO B 368 18.40 11.61 42.03
CA PRO B 368 19.10 12.63 41.25
C PRO B 368 20.43 12.11 40.77
N GLY B 369 20.67 12.23 39.47
CA GLY B 369 21.82 11.63 38.81
C GLY B 369 21.45 10.55 37.81
N LEU B 370 20.18 10.14 37.75
CA LEU B 370 19.76 9.12 36.80
C LEU B 370 19.93 9.59 35.36
N ALA B 371 19.37 10.76 35.05
CA ALA B 371 19.42 11.29 33.70
C ALA B 371 20.86 11.43 33.21
N ARG B 372 21.74 11.98 34.06
CA ARG B 372 23.12 12.20 33.64
C ARG B 372 23.86 10.88 33.49
N ALA B 373 23.66 9.95 34.42
CA ALA B 373 24.29 8.64 34.31
C ALA B 373 23.80 7.89 33.08
N ALA B 374 22.49 7.98 32.79
CA ALA B 374 21.97 7.34 31.58
C ALA B 374 22.53 8.00 30.32
N GLN B 375 22.54 9.34 30.29
CA GLN B 375 23.05 10.03 29.11
C GLN B 375 24.51 9.69 28.84
N ARG B 376 25.32 9.58 29.90
CA ARG B 376 26.71 9.16 29.73
C ARG B 376 26.80 7.72 29.25
N ALA B 377 26.00 6.83 29.83
CA ALA B 377 26.05 5.42 29.43
C ALA B 377 25.59 5.23 27.99
N ILE B 378 24.61 6.03 27.55
CA ILE B 378 24.16 5.95 26.15
C ILE B 378 25.27 6.41 25.21
N ALA B 379 26.09 7.37 25.63
CA ALA B 379 27.21 7.81 24.80
C ALA B 379 28.23 6.69 24.62
N VAL B 380 28.40 5.84 25.63
CA VAL B 380 29.27 4.68 25.48
C VAL B 380 28.61 3.61 24.63
N ALA B 381 27.28 3.49 24.71
CA ALA B 381 26.58 2.43 23.98
C ALA B 381 26.71 2.59 22.47
N VAL B 382 26.66 3.84 21.98
CA VAL B 382 26.71 4.09 20.54
C VAL B 382 28.13 4.29 20.02
N ASP B 383 29.14 4.33 20.90
CA ASP B 383 30.47 4.77 20.47
C ASP B 383 31.05 3.85 19.41
N ASP B 384 30.86 2.53 19.55
CA ASP B 384 31.43 1.59 18.59
C ASP B 384 30.85 1.83 17.20
N ALA B 385 29.52 1.92 17.10
CA ALA B 385 28.89 2.21 15.81
C ALA B 385 29.34 3.56 15.26
N TRP B 386 29.65 4.51 16.14
CA TRP B 386 30.10 5.83 15.67
C TRP B 386 31.50 5.77 15.09
N VAL B 387 32.38 4.98 15.68
CA VAL B 387 33.77 4.92 15.20
C VAL B 387 33.83 4.13 13.90
N LEU B 388 33.14 3.00 13.83
CA LEU B 388 33.16 2.18 12.62
C LEU B 388 32.66 2.96 11.42
N ALA B 389 31.62 3.77 11.59
CA ALA B 389 31.06 4.50 10.47
C ALA B 389 31.94 5.68 10.08
N THR B 390 32.37 6.48 11.06
CA THR B 390 33.12 7.68 10.75
C THR B 390 34.52 7.37 10.26
N SER B 391 35.14 6.30 10.75
CA SER B 391 36.51 5.95 10.34
C SER B 391 36.58 5.34 8.94
N HIS B 392 35.45 4.91 8.37
CA HIS B 392 35.44 4.49 6.98
C HIS B 392 34.96 5.57 6.03
N ASP B 393 34.14 6.49 6.53
CA ASP B 393 33.75 7.67 5.74
C ASP B 393 34.87 8.70 5.68
N ILE B 394 35.82 8.61 6.62
CA ILE B 394 36.88 9.61 6.73
C ILE B 394 37.84 9.58 5.54
N GLY B 395 37.83 8.52 4.75
CA GLY B 395 38.79 8.39 3.66
C GLY B 395 38.35 8.92 2.31
N TYR B 396 37.04 8.99 2.07
CA TYR B 396 36.53 9.31 0.74
C TYR B 396 36.82 10.76 0.38
N PRO B 397 37.00 11.06 -0.91
CA PRO B 397 37.32 12.44 -1.30
C PRO B 397 36.18 13.40 -0.99
N GLY B 398 36.56 14.63 -0.64
CA GLY B 398 35.59 15.68 -0.40
C GLY B 398 34.79 15.56 0.87
N CYS B 399 35.25 14.76 1.83
CA CYS B 399 34.49 14.56 3.05
C CYS B 399 34.60 15.77 3.97
N ARG B 400 33.45 16.17 4.54
CA ARG B 400 33.33 17.32 5.47
C ARG B 400 33.26 16.79 6.90
N THR B 401 34.13 17.29 7.80
CA THR B 401 34.23 16.78 9.15
C THR B 401 34.25 17.94 10.14
N GLN B 402 33.65 17.71 11.30
CA GLN B 402 33.70 18.65 12.41
C GLN B 402 33.77 17.79 13.66
N THR B 403 34.99 17.56 14.15
CA THR B 403 35.21 16.62 15.24
C THR B 403 36.47 17.02 15.99
N ARG B 404 36.51 16.65 17.26
CA ARG B 404 37.70 16.77 18.09
C ARG B 404 38.21 15.41 18.55
N ASP B 405 37.65 14.32 18.02
CA ASP B 405 38.03 12.99 18.45
C ASP B 405 39.37 12.61 17.80
N PRO B 406 40.42 12.40 18.58
CA PRO B 406 41.72 12.03 17.98
C PRO B 406 41.67 10.72 17.21
N ARG B 407 40.77 9.80 17.57
CA ARG B 407 40.68 8.53 16.86
C ARG B 407 40.29 8.71 15.40
N LEU B 408 39.70 9.84 15.03
CA LEU B 408 39.33 10.12 13.65
C LEU B 408 40.29 11.04 12.94
N THR B 409 41.12 11.79 13.67
CA THR B 409 42.02 12.77 13.09
C THR B 409 43.48 12.46 13.34
N ARG B 410 43.87 12.27 14.60
CA ARG B 410 45.26 12.03 14.97
C ARG B 410 45.54 10.54 14.90
N HIS B 411 46.41 10.13 13.98
CA HIS B 411 46.70 8.72 13.75
C HIS B 411 45.44 7.96 13.32
N ALA B 412 44.74 8.55 12.35
CA ALA B 412 43.64 7.84 11.70
C ALA B 412 44.17 6.88 10.65
N GLY B 413 45.26 7.27 9.97
CA GLY B 413 45.86 6.39 8.98
C GLY B 413 46.36 5.09 9.58
N GLU B 414 46.96 5.17 10.77
CA GLU B 414 47.47 3.96 11.42
C GLU B 414 46.34 3.06 11.89
N ARG B 415 45.23 3.68 12.32
CA ARG B 415 44.04 2.92 12.72
C ARG B 415 43.32 2.31 11.52
N GLN B 416 43.40 2.90 10.32
CA GLN B 416 42.85 2.14 9.21
C GLN B 416 43.77 1.03 8.75
N ARG B 417 45.07 1.18 8.97
CA ARG B 417 45.97 0.16 8.45
C ARG B 417 45.86 -1.11 9.26
N VAL B 418 45.70 -0.98 10.58
CA VAL B 418 45.33 -2.13 11.38
C VAL B 418 44.02 -2.73 10.89
N THR B 419 43.06 -1.88 10.51
CA THR B 419 41.74 -2.36 10.11
C THR B 419 41.76 -3.03 8.74
N ASP B 420 42.62 -2.57 7.83
CA ASP B 420 42.72 -3.18 6.51
C ASP B 420 43.36 -4.56 6.56
N LEU B 421 44.14 -4.85 7.61
CA LEU B 421 44.76 -6.17 7.71
C LEU B 421 43.80 -7.18 8.31
N VAL B 422 43.01 -6.77 9.31
CA VAL B 422 41.91 -7.61 9.77
C VAL B 422 40.91 -7.86 8.65
N GLY B 423 40.53 -6.81 7.92
CA GLY B 423 39.52 -6.97 6.88
C GLY B 423 39.99 -7.86 5.74
N LEU B 424 41.25 -7.70 5.31
CA LEU B 424 41.80 -8.56 4.27
C LEU B 424 41.82 -10.01 4.72
N THR B 425 42.33 -10.26 5.93
CA THR B 425 42.44 -11.63 6.42
C THR B 425 41.08 -12.26 6.70
N ALA B 426 40.11 -11.46 7.14
CA ALA B 426 38.78 -11.97 7.45
C ALA B 426 38.10 -12.57 6.22
N THR B 427 38.45 -12.10 5.02
CA THR B 427 37.87 -12.68 3.82
C THR B 427 38.29 -14.13 3.61
N ARG B 428 39.38 -14.56 4.25
CA ARG B 428 39.92 -15.89 3.97
C ARG B 428 40.37 -16.64 5.22
N ASN B 429 40.06 -16.13 6.41
CA ASN B 429 40.41 -16.78 7.68
C ASN B 429 39.16 -16.85 8.54
N GLN B 430 38.81 -18.06 8.99
CA GLN B 430 37.55 -18.24 9.72
C GLN B 430 37.59 -17.56 11.09
N VAL B 431 38.69 -17.71 11.82
CA VAL B 431 38.76 -17.12 13.16
C VAL B 431 38.72 -15.60 13.07
N VAL B 432 39.50 -15.01 12.16
CA VAL B 432 39.47 -13.56 11.97
C VAL B 432 38.05 -13.10 11.60
N ASN B 433 37.43 -13.80 10.66
CA ASN B 433 36.09 -13.42 10.23
C ASN B 433 35.09 -13.46 11.38
N ARG B 434 35.14 -14.52 12.19
CA ARG B 434 34.24 -14.62 13.35
C ARG B 434 34.34 -13.38 14.23
N ALA B 435 35.56 -13.01 14.64
CA ALA B 435 35.72 -11.84 15.48
C ALA B 435 35.37 -10.55 14.74
N ALA B 436 35.61 -10.51 13.42
CA ALA B 436 35.31 -9.29 12.67
C ALA B 436 33.81 -9.06 12.55
N VAL B 437 33.04 -10.13 12.34
CA VAL B 437 31.59 -9.96 12.19
C VAL B 437 30.89 -9.88 13.53
N ALA B 438 31.50 -10.37 14.61
CA ALA B 438 30.94 -10.13 15.93
C ALA B 438 30.98 -8.64 16.25
N LEU B 439 32.06 -7.95 15.88
CA LEU B 439 32.13 -6.52 16.07
C LEU B 439 31.22 -5.78 15.10
N ASN B 440 31.22 -6.18 13.82
CA ASN B 440 30.47 -5.45 12.81
C ASN B 440 28.96 -5.55 13.02
N THR B 441 28.48 -6.64 13.62
CA THR B 441 27.08 -6.78 13.98
C THR B 441 26.76 -6.21 15.36
N LEU B 442 27.73 -5.54 16.00
CA LEU B 442 27.58 -5.01 17.35
C LEU B 442 27.16 -6.11 18.33
N SER B 443 27.76 -7.29 18.19
CA SER B 443 27.64 -8.35 19.18
C SER B 443 28.86 -8.43 20.08
N ALA B 444 29.82 -7.53 19.90
CA ALA B 444 31.03 -7.49 20.71
C ALA B 444 31.65 -6.10 20.58
N GLY B 445 32.41 -5.71 21.61
CA GLY B 445 33.00 -4.39 21.62
C GLY B 445 34.29 -4.30 20.83
N MET B 446 34.70 -3.06 20.56
CA MET B 446 35.93 -2.80 19.83
C MET B 446 37.13 -3.47 20.48
N ALA B 447 37.15 -3.58 21.81
CA ALA B 447 38.28 -4.16 22.50
C ALA B 447 38.47 -5.63 22.15
N SER B 448 37.40 -6.33 21.79
CA SER B 448 37.47 -7.75 21.49
C SER B 448 38.45 -8.07 20.36
N MET B 449 38.71 -7.11 19.48
CA MET B 449 39.69 -7.30 18.41
C MET B 449 41.13 -7.21 18.91
N GLN B 450 41.33 -6.77 20.16
CA GLN B 450 42.64 -6.71 20.76
C GLN B 450 43.02 -8.01 21.49
N ASP B 451 42.14 -9.00 21.44
CA ASP B 451 42.45 -10.31 22.01
C ASP B 451 43.65 -10.89 21.25
N PRO B 452 44.74 -11.23 21.95
CA PRO B 452 45.91 -11.82 21.27
C PRO B 452 45.57 -12.97 20.34
N ALA B 453 44.56 -13.78 20.67
CA ALA B 453 44.17 -14.88 19.79
C ALA B 453 43.70 -14.38 18.43
N VAL B 454 43.16 -13.17 18.37
CA VAL B 454 42.68 -12.64 17.08
C VAL B 454 43.86 -12.16 16.23
N MET B 455 44.75 -11.38 16.82
CA MET B 455 45.92 -10.90 16.08
C MET B 455 46.83 -12.05 15.68
N ALA B 456 46.80 -13.16 16.45
CA ALA B 456 47.55 -14.35 16.05
C ALA B 456 47.01 -14.94 14.76
N ALA B 457 45.67 -15.10 14.68
CA ALA B 457 45.06 -15.60 13.46
C ALA B 457 45.33 -14.67 12.29
N VAL B 458 45.26 -13.35 12.53
CA VAL B 458 45.58 -12.38 11.48
C VAL B 458 46.97 -12.64 10.93
N ARG B 459 47.96 -12.82 11.82
CA ARG B 459 49.31 -13.10 11.36
C ARG B 459 49.43 -14.48 10.72
N ARG B 460 48.60 -15.44 11.13
CA ARG B 460 48.61 -16.76 10.50
C ARG B 460 48.22 -16.67 9.04
N GLY B 461 47.34 -15.73 8.69
CA GLY B 461 47.00 -15.47 7.31
C GLY B 461 45.86 -16.30 6.78
N PRO B 462 45.70 -16.30 5.47
CA PRO B 462 44.56 -17.02 4.86
C PRO B 462 44.73 -18.52 4.95
N GLU B 463 43.62 -19.20 5.22
CA GLU B 463 43.55 -20.65 5.18
C GLU B 463 42.81 -21.16 3.95
N VAL B 464 42.24 -20.26 3.15
CA VAL B 464 41.59 -20.62 1.89
C VAL B 464 42.04 -19.64 0.81
N PRO B 465 41.98 -20.05 -0.46
CA PRO B 465 42.36 -19.15 -1.55
C PRO B 465 41.31 -18.07 -1.76
N ALA B 466 41.75 -16.94 -2.27
CA ALA B 466 40.83 -15.86 -2.61
C ALA B 466 39.91 -16.30 -3.74
N PRO B 467 38.59 -16.26 -3.56
CA PRO B 467 37.69 -16.67 -4.63
C PRO B 467 37.87 -15.80 -5.87
N THR B 468 37.84 -16.43 -7.03
CA THR B 468 38.02 -15.71 -8.28
C THR B 468 36.69 -15.28 -8.90
N GLU B 469 35.59 -15.88 -8.48
CA GLU B 469 34.25 -15.58 -8.97
CA GLU B 469 34.25 -15.59 -8.97
C GLU B 469 33.31 -15.47 -7.79
N PRO B 470 32.13 -14.87 -7.97
CA PRO B 470 31.16 -14.77 -6.87
C PRO B 470 30.89 -16.12 -6.25
N PRO B 471 31.08 -16.26 -4.94
CA PRO B 471 30.90 -17.58 -4.30
C PRO B 471 29.43 -17.94 -4.15
N LEU B 472 28.74 -18.08 -5.28
CA LEU B 472 27.34 -18.47 -5.29
C LEU B 472 27.23 -19.98 -5.34
N ARG B 473 26.23 -20.51 -4.66
CA ARG B 473 25.99 -21.94 -4.71
C ARG B 473 25.29 -22.30 -6.03
N PRO B 474 25.60 -23.46 -6.62
CA PRO B 474 24.85 -23.88 -7.80
C PRO B 474 23.35 -23.93 -7.59
N ASP B 475 22.90 -24.36 -6.40
CA ASP B 475 21.46 -24.42 -6.13
C ASP B 475 20.85 -23.04 -5.93
N GLU B 476 21.66 -22.02 -5.63
CA GLU B 476 21.14 -20.66 -5.59
C GLU B 476 20.89 -20.15 -7.01
N VAL B 477 21.90 -20.30 -7.87
CA VAL B 477 21.80 -19.85 -9.26
C VAL B 477 20.71 -20.63 -10.00
N ALA B 478 20.54 -21.91 -9.66
CA ALA B 478 19.53 -22.74 -10.32
C ALA B 478 18.13 -22.15 -10.20
N ARG B 479 17.84 -21.48 -9.10
CA ARG B 479 16.50 -20.95 -8.84
C ARG B 479 16.29 -19.54 -9.40
N LEU B 480 17.22 -19.04 -10.22
CA LEU B 480 17.01 -17.77 -10.90
C LEU B 480 16.20 -17.92 -12.18
N VAL B 481 15.91 -19.14 -12.60
CA VAL B 481 15.06 -19.41 -13.76
C VAL B 481 13.96 -20.38 -13.34
N SER B 482 12.87 -20.38 -14.12
CA SER B 482 11.75 -21.26 -13.82
C SER B 482 11.76 -22.55 -14.62
N GLY B 483 12.31 -22.53 -15.84
CA GLY B 483 12.22 -23.68 -16.72
C GLY B 483 10.85 -23.86 -17.35
N ALA B 484 10.05 -22.80 -17.41
CA ALA B 484 8.66 -22.92 -17.86
C ALA B 484 8.58 -23.38 -19.31
N GLY B 485 9.31 -22.69 -20.21
CA GLY B 485 9.19 -22.96 -21.63
C GLY B 485 10.02 -24.15 -22.10
N VAL B 486 10.01 -25.24 -21.33
CA VAL B 486 10.82 -26.42 -21.59
C VAL B 486 9.93 -27.64 -21.45
N THR B 487 9.72 -28.36 -22.54
CA THR B 487 8.94 -29.59 -22.48
C THR B 487 9.77 -30.74 -21.91
#